data_8GBK
#
_entry.id   8GBK
#
_cell.length_a   91.815
_cell.length_b   91.815
_cell.length_c   144.306
_cell.angle_alpha   90.000
_cell.angle_beta   90.000
_cell.angle_gamma   90.000
#
_symmetry.space_group_name_H-M   'P 43'
#
loop_
_entity.id
_entity.type
_entity.pdbx_description
1 polymer 'Ssr1698 protein'
2 non-polymer 'HEME B/C'
#
_entity_poly.entity_id   1
_entity_poly.type   'polypeptide(L)'
_entity_poly.pdbx_seq_one_letter_code
;MADPLTPAISDRICKHMNEDHASAIALYAQVFGQQTDVTMAQMQAIDPTGMDLVVESEGGSKTIRIEFEQPLKDSEDAAQ
VLIAMAKQAASVGKNSAENLYFQ
;
_entity_poly.pdbx_strand_id   G,H,B,E,A,C,D,F
#
loop_
_chem_comp.id
_chem_comp.type
_chem_comp.name
_chem_comp.formula
HEB non-polymer 'HEME B/C' 'C34 H34 Fe N4 O4'
#
# COMPACT_ATOMS: atom_id res chain seq x y z
N ASP A 3 -25.59 35.22 -4.25
CA ASP A 3 -26.86 34.51 -3.95
C ASP A 3 -27.83 34.71 -5.12
N PRO A 4 -28.36 35.91 -5.38
CA PRO A 4 -29.39 36.09 -6.42
C PRO A 4 -29.01 35.68 -7.86
N LEU A 5 -30.00 35.31 -8.66
CA LEU A 5 -29.80 34.91 -10.08
C LEU A 5 -28.97 35.93 -10.87
N THR A 6 -27.81 35.52 -11.38
CA THR A 6 -27.00 36.48 -12.18
C THR A 6 -26.16 35.68 -13.19
N PRO A 7 -25.73 36.28 -14.33
CA PRO A 7 -24.85 35.58 -15.28
C PRO A 7 -23.64 34.95 -14.60
N ALA A 8 -22.90 35.74 -13.81
CA ALA A 8 -21.69 35.24 -13.10
C ALA A 8 -22.08 34.14 -12.10
N ILE A 9 -23.20 34.31 -11.39
CA ILE A 9 -23.68 33.28 -10.41
C ILE A 9 -23.85 31.96 -11.15
N SER A 10 -24.44 31.98 -12.35
CA SER A 10 -24.62 30.73 -13.15
C SER A 10 -23.25 30.17 -13.54
N ASP A 11 -22.33 31.01 -14.02
CA ASP A 11 -21.01 30.54 -14.50
C ASP A 11 -20.22 29.85 -13.39
N ARG A 12 -20.33 30.31 -12.15
CA ARG A 12 -19.53 29.76 -11.03
C ARG A 12 -20.19 28.49 -10.49
N ILE A 13 -21.53 28.40 -10.59
CA ILE A 13 -22.25 27.17 -10.17
C ILE A 13 -21.97 26.09 -11.23
N CYS A 14 -22.11 26.44 -12.50
CA CYS A 14 -21.82 25.50 -13.62
C CYS A 14 -20.33 25.14 -13.60
N LYS A 15 -19.48 26.05 -13.14
CA LYS A 15 -18.03 25.75 -13.04
C LYS A 15 -17.82 24.81 -11.87
N HIS A 16 -18.33 25.17 -10.71
CA HIS A 16 -18.22 24.28 -9.53
C HIS A 16 -18.71 22.89 -9.92
N MET A 17 -19.67 22.81 -10.85
CA MET A 17 -20.22 21.52 -11.23
C MET A 17 -19.36 20.85 -12.28
N ASN A 18 -18.81 21.62 -13.21
CA ASN A 18 -17.95 21.05 -14.25
C ASN A 18 -16.59 20.64 -13.70
N GLU A 19 -16.28 21.03 -12.47
CA GLU A 19 -14.96 20.81 -11.88
C GLU A 19 -15.00 19.89 -10.67
N ASP A 20 -16.11 19.85 -9.92
CA ASP A 20 -16.21 19.00 -8.74
C ASP A 20 -17.21 17.87 -8.86
N HIS A 21 -18.22 17.99 -9.71
CA HIS A 21 -19.29 17.00 -9.77
C HIS A 21 -19.62 16.63 -11.20
N ALA A 22 -18.61 16.45 -12.05
CA ALA A 22 -18.87 16.12 -13.44
C ALA A 22 -19.65 14.81 -13.57
N SER A 23 -19.49 13.91 -12.59
CA SER A 23 -20.27 12.67 -12.62
C SER A 23 -21.76 12.95 -12.53
N ALA A 24 -22.15 13.85 -11.65
CA ALA A 24 -23.57 14.17 -11.51
C ALA A 24 -24.14 14.73 -12.81
N ILE A 25 -23.36 15.56 -13.51
CA ILE A 25 -23.81 16.06 -14.80
C ILE A 25 -24.06 14.91 -15.75
N ALA A 26 -23.18 13.91 -15.73
CA ALA A 26 -23.40 12.72 -16.56
C ALA A 26 -24.67 12.01 -16.15
N LEU A 27 -24.91 11.89 -14.85
CA LEU A 27 -26.14 11.24 -14.39
C LEU A 27 -27.37 12.00 -14.86
N TYR A 28 -27.36 13.32 -14.75
CA TYR A 28 -28.56 14.11 -15.09
C TYR A 28 -28.99 13.85 -16.53
N ALA A 29 -28.02 13.70 -17.40
CA ALA A 29 -28.30 13.54 -18.84
C ALA A 29 -28.92 12.18 -19.13
N GLN A 30 -28.34 11.13 -18.57
CA GLN A 30 -28.82 9.77 -18.88
C GLN A 30 -30.25 9.66 -18.37
N VAL A 31 -30.47 9.94 -17.09
CA VAL A 31 -31.81 9.76 -16.50
C VAL A 31 -32.76 10.82 -17.03
N PHE A 32 -32.55 12.08 -16.67
CA PHE A 32 -33.54 13.14 -17.00
C PHE A 32 -33.63 13.45 -18.49
N GLY A 33 -32.51 13.49 -19.20
CA GLY A 33 -32.53 13.92 -20.62
C GLY A 33 -32.78 12.78 -21.58
N GLN A 34 -32.88 11.55 -21.09
CA GLN A 34 -33.10 10.35 -21.93
C GLN A 34 -31.97 10.25 -22.96
N GLN A 35 -30.76 10.64 -22.58
CA GLN A 35 -29.63 10.41 -23.51
C GLN A 35 -28.91 9.12 -23.11
N THR A 36 -28.29 8.45 -24.08
CA THR A 36 -27.62 7.15 -23.80
C THR A 36 -26.19 7.16 -24.35
N ASP A 37 -25.35 6.26 -23.85
CA ASP A 37 -23.93 6.17 -24.32
C ASP A 37 -23.29 7.56 -24.28
N VAL A 38 -23.46 8.28 -23.17
CA VAL A 38 -22.92 9.67 -23.05
C VAL A 38 -21.39 9.58 -22.92
N THR A 39 -20.67 10.50 -23.56
CA THR A 39 -19.19 10.50 -23.49
C THR A 39 -18.75 11.66 -22.61
N MET A 40 -19.06 12.89 -23.02
CA MET A 40 -18.65 14.10 -22.26
C MET A 40 -19.88 14.95 -21.96
N ALA A 41 -20.43 14.84 -20.75
CA ALA A 41 -21.60 15.66 -20.35
C ALA A 41 -21.11 16.92 -19.63
N GLN A 42 -21.62 18.09 -20.02
CA GLN A 42 -21.17 19.37 -19.43
C GLN A 42 -22.34 20.29 -19.11
N MET A 43 -22.17 21.16 -18.12
CA MET A 43 -23.20 22.12 -17.75
C MET A 43 -22.83 23.46 -18.37
N GLN A 44 -23.47 23.77 -19.50
CA GLN A 44 -23.18 25.00 -20.21
C GLN A 44 -23.71 26.21 -19.46
N ALA A 45 -24.94 26.13 -18.96
CA ALA A 45 -25.56 27.25 -18.27
C ALA A 45 -26.68 26.73 -17.38
N ILE A 46 -26.98 27.51 -16.34
CA ILE A 46 -28.06 27.20 -15.42
C ILE A 46 -28.94 28.44 -15.28
N ASP A 47 -30.25 28.23 -15.17
CA ASP A 47 -31.22 29.30 -15.12
C ASP A 47 -32.23 29.04 -14.01
N PRO A 48 -32.95 30.06 -13.57
CA PRO A 48 -33.98 29.85 -12.54
C PRO A 48 -35.03 28.85 -12.95
N THR A 49 -35.28 28.72 -14.26
CA THR A 49 -36.25 27.75 -14.76
C THR A 49 -35.62 26.38 -15.01
N GLY A 50 -34.44 26.36 -15.59
CA GLY A 50 -33.78 25.11 -15.90
C GLY A 50 -32.32 25.34 -16.22
N MET A 51 -31.67 24.27 -16.66
CA MET A 51 -30.27 24.32 -17.02
C MET A 51 -30.09 23.75 -18.42
N ASP A 52 -29.01 24.18 -19.07
CA ASP A 52 -28.68 23.72 -20.40
C ASP A 52 -27.46 22.83 -20.30
N LEU A 53 -27.60 21.58 -20.75
CA LEU A 53 -26.51 20.61 -20.70
C LEU A 53 -26.01 20.32 -22.10
N VAL A 54 -24.69 20.20 -22.22
CA VAL A 54 -24.05 19.90 -23.53
C VAL A 54 -23.44 18.50 -23.43
N VAL A 55 -24.12 17.54 -24.01
CA VAL A 55 -23.61 16.14 -24.04
C VAL A 55 -22.88 15.98 -25.36
N GLU A 56 -21.78 15.23 -25.36
CA GLU A 56 -21.03 14.95 -26.61
C GLU A 56 -21.28 13.49 -26.98
N SER A 57 -21.77 13.25 -28.20
CA SER A 57 -22.13 11.86 -28.60
C SER A 57 -21.32 11.41 -29.81
N GLU A 58 -21.27 10.09 -30.03
CA GLU A 58 -20.44 9.54 -31.13
C GLU A 58 -20.84 10.16 -32.47
N GLY A 59 -22.14 10.39 -32.69
CA GLY A 59 -22.62 10.90 -33.98
C GLY A 59 -22.66 12.41 -34.01
N GLY A 60 -23.07 13.04 -32.90
CA GLY A 60 -23.22 14.52 -32.88
C GLY A 60 -23.36 15.07 -31.48
N SER A 61 -22.83 16.27 -31.27
CA SER A 61 -22.94 16.92 -29.95
C SER A 61 -24.41 17.26 -29.65
N LYS A 62 -24.73 17.47 -28.39
CA LYS A 62 -26.14 17.72 -27.99
C LYS A 62 -26.24 18.91 -27.07
N THR A 63 -27.27 19.71 -27.24
CA THR A 63 -27.57 20.81 -26.30
C THR A 63 -28.97 20.51 -25.80
N ILE A 64 -29.08 19.99 -24.58
CA ILE A 64 -30.38 19.64 -24.06
C ILE A 64 -30.70 20.59 -22.91
N ARG A 65 -31.98 20.60 -22.54
CA ARG A 65 -32.45 21.44 -21.45
C ARG A 65 -33.21 20.56 -20.46
N ILE A 66 -32.83 20.67 -19.19
CA ILE A 66 -33.53 19.99 -18.10
C ILE A 66 -34.12 21.08 -17.22
N GLU A 67 -35.44 21.00 -17.04
CA GLU A 67 -36.16 22.06 -16.29
C GLU A 67 -36.44 21.63 -14.86
N PHE A 68 -36.32 22.58 -13.92
CA PHE A 68 -36.60 22.37 -12.52
C PHE A 68 -38.08 22.61 -12.24
N GLU A 69 -38.74 21.64 -11.61
CA GLU A 69 -40.18 21.77 -11.38
C GLU A 69 -40.51 23.05 -10.63
N GLN A 70 -39.85 23.29 -9.51
CA GLN A 70 -40.02 24.53 -8.77
C GLN A 70 -38.87 25.48 -9.06
N PRO A 71 -39.19 26.73 -9.42
CA PRO A 71 -38.14 27.65 -9.86
C PRO A 71 -37.11 27.91 -8.78
N LEU A 72 -35.89 28.19 -9.21
CA LEU A 72 -34.78 28.50 -8.32
C LEU A 72 -34.68 30.01 -8.18
N LYS A 73 -34.44 30.49 -6.97
CA LYS A 73 -34.36 31.92 -6.69
C LYS A 73 -32.93 32.39 -6.50
N ASP A 74 -32.14 31.68 -5.70
CA ASP A 74 -30.79 32.08 -5.38
C ASP A 74 -29.84 30.90 -5.63
N SER A 75 -28.54 31.15 -5.44
CA SER A 75 -27.55 30.11 -5.69
C SER A 75 -27.75 28.93 -4.76
N GLU A 76 -28.25 29.16 -3.55
CA GLU A 76 -28.46 28.04 -2.63
C GLU A 76 -29.53 27.08 -3.15
N ASP A 77 -30.63 27.63 -3.69
CA ASP A 77 -31.67 26.76 -4.24
C ASP A 77 -31.12 25.91 -5.38
N ALA A 78 -30.15 26.43 -6.13
CA ALA A 78 -29.55 25.64 -7.21
C ALA A 78 -28.86 24.40 -6.66
N ALA A 79 -28.03 24.57 -5.63
CA ALA A 79 -27.32 23.43 -5.08
C ALA A 79 -28.30 22.40 -4.51
N GLN A 80 -29.30 22.86 -3.80
CA GLN A 80 -30.23 21.93 -3.16
C GLN A 80 -30.98 21.12 -4.23
N VAL A 81 -31.27 21.70 -5.39
CA VAL A 81 -32.06 21.01 -6.47
C VAL A 81 -31.16 19.99 -7.14
N LEU A 82 -29.93 20.36 -7.42
CA LEU A 82 -28.98 19.45 -8.09
C LEU A 82 -28.70 18.25 -7.17
N ILE A 83 -28.45 18.49 -5.90
CA ILE A 83 -28.16 17.40 -4.94
C ILE A 83 -29.28 16.36 -5.02
N ALA A 84 -30.54 16.80 -4.94
CA ALA A 84 -31.70 15.88 -5.00
C ALA A 84 -31.70 15.12 -6.34
N MET A 85 -31.63 15.83 -7.46
CA MET A 85 -31.72 15.18 -8.79
C MET A 85 -30.63 14.14 -8.94
N ALA A 86 -29.52 14.32 -8.25
CA ALA A 86 -28.37 13.41 -8.40
C ALA A 86 -28.63 12.12 -7.64
N LYS A 87 -29.32 12.21 -6.52
CA LYS A 87 -29.65 11.02 -5.72
C LYS A 87 -30.69 10.24 -6.51
N GLN A 88 -31.64 10.95 -7.10
CA GLN A 88 -32.71 10.30 -7.89
C GLN A 88 -32.03 9.56 -9.03
N ALA A 89 -31.09 10.20 -9.71
CA ALA A 89 -30.41 9.58 -10.86
C ALA A 89 -29.57 8.39 -10.41
N ALA A 90 -28.93 8.50 -9.25
CA ALA A 90 -28.16 7.36 -8.69
C ALA A 90 -29.12 6.20 -8.50
N SER A 91 -30.25 6.43 -7.82
CA SER A 91 -31.27 5.35 -7.68
C SER A 91 -31.57 4.73 -9.04
N VAL A 92 -31.95 5.55 -10.02
CA VAL A 92 -32.25 5.05 -11.40
C VAL A 92 -31.00 4.37 -11.96
N GLY A 93 -29.81 4.82 -11.54
CA GLY A 93 -28.54 4.21 -12.01
C GLY A 93 -28.41 2.79 -11.51
N LYS A 94 -28.73 2.55 -10.22
CA LYS A 94 -28.64 1.19 -9.63
C LYS A 94 -29.47 0.21 -10.47
N ASN A 95 -30.71 0.58 -10.82
CA ASN A 95 -31.57 -0.28 -11.67
C ASN A 95 -31.14 -0.12 -13.14
N SER A 96 -30.07 -0.82 -13.54
CA SER A 96 -29.54 -0.68 -14.93
C SER A 96 -30.12 -1.77 -15.84
N ALA A 97 -30.42 -1.43 -17.10
CA ALA A 97 -30.94 -2.40 -18.04
C ALA A 97 -29.81 -2.92 -18.93
N GLU A 98 -30.14 -3.95 -19.70
CA GLU A 98 -29.16 -4.56 -20.61
C GLU A 98 -29.90 -5.19 -21.78
N ASN A 99 -29.16 -5.41 -22.87
CA ASN A 99 -29.73 -6.02 -24.06
C ASN A 99 -29.83 -7.53 -23.86
N LEU A 100 -31.04 -8.07 -24.00
CA LEU A 100 -31.28 -9.47 -23.71
C LEU A 100 -30.93 -10.35 -24.90
N TYR A 101 -30.35 -11.52 -24.61
CA TYR A 101 -30.03 -12.52 -25.61
C TYR A 101 -30.29 -13.89 -25.01
N PHE A 102 -30.28 -14.91 -25.87
CA PHE A 102 -30.62 -16.26 -25.43
C PHE A 102 -29.72 -17.32 -26.06
N ASP B 3 -11.86 32.84 -4.40
CA ASP B 3 -12.37 33.22 -3.08
C ASP B 3 -11.50 32.76 -1.92
N PRO B 4 -10.37 33.44 -1.71
CA PRO B 4 -9.43 33.03 -0.67
C PRO B 4 -10.11 33.01 0.70
N LEU B 5 -9.60 32.14 1.56
CA LEU B 5 -10.18 31.95 2.88
C LEU B 5 -10.21 33.24 3.69
N THR B 6 -11.39 33.59 4.18
CA THR B 6 -11.60 34.77 5.01
C THR B 6 -12.66 34.42 6.05
N PRO B 7 -12.65 35.12 7.19
CA PRO B 7 -13.66 34.85 8.24
C PRO B 7 -15.10 34.99 7.76
N ALA B 8 -15.37 35.91 6.83
CA ALA B 8 -16.72 36.02 6.30
C ALA B 8 -17.05 34.83 5.40
N ILE B 9 -16.07 34.39 4.59
CA ILE B 9 -16.29 33.24 3.72
C ILE B 9 -16.56 31.99 4.56
N SER B 10 -15.87 31.86 5.70
CA SER B 10 -16.07 30.68 6.54
C SER B 10 -17.52 30.58 7.01
N ASP B 11 -18.12 31.69 7.42
CA ASP B 11 -19.50 31.67 7.88
C ASP B 11 -20.43 31.14 6.79
N ARG B 12 -20.19 31.56 5.56
CA ARG B 12 -21.01 31.09 4.42
C ARG B 12 -20.86 29.59 4.28
N ILE B 13 -19.63 29.12 4.25
CA ILE B 13 -19.37 27.70 4.05
C ILE B 13 -20.02 26.88 5.15
N CYS B 14 -19.89 27.32 6.40
CA CYS B 14 -20.49 26.57 7.50
C CYS B 14 -22.00 26.48 7.38
N LYS B 15 -22.63 27.48 6.75
CA LYS B 15 -24.07 27.41 6.56
C LYS B 15 -24.46 26.34 5.54
N HIS B 16 -23.75 26.28 4.42
CA HIS B 16 -24.05 25.27 3.41
C HIS B 16 -23.87 23.87 3.98
N MET B 17 -22.79 23.65 4.72
CA MET B 17 -22.53 22.33 5.29
C MET B 17 -23.52 22.01 6.40
N ASN B 18 -23.86 23.01 7.21
CA ASN B 18 -24.71 22.77 8.37
C ASN B 18 -26.18 22.53 8.03
N GLU B 19 -26.60 22.83 6.79
CA GLU B 19 -27.99 22.66 6.39
C GLU B 19 -28.17 21.68 5.24
N ASP B 20 -27.16 21.48 4.40
CA ASP B 20 -27.25 20.57 3.28
C ASP B 20 -26.45 19.30 3.46
N HIS B 21 -25.44 19.32 4.33
CA HIS B 21 -24.56 18.18 4.55
C HIS B 21 -24.36 17.93 6.04
N ALA B 22 -25.43 18.10 6.83
CA ALA B 22 -25.30 17.92 8.27
C ALA B 22 -24.93 16.48 8.63
N SER B 23 -25.33 15.51 7.81
CA SER B 23 -24.95 14.13 8.07
C SER B 23 -23.44 13.95 7.99
N ALA B 24 -22.82 14.59 7.01
CA ALA B 24 -21.37 14.50 6.87
C ALA B 24 -20.66 15.04 8.10
N ILE B 25 -21.20 16.10 8.70
CA ILE B 25 -20.62 16.64 9.91
C ILE B 25 -20.59 15.56 11.00
N ALA B 26 -21.65 14.75 11.07
CA ALA B 26 -21.65 13.64 12.00
C ALA B 26 -20.53 12.66 11.68
N LEU B 27 -20.32 12.37 10.39
CA LEU B 27 -19.24 11.47 10.00
C LEU B 27 -17.89 12.04 10.41
N TYR B 28 -17.69 13.35 10.25
CA TYR B 28 -16.43 13.96 10.65
C TYR B 28 -16.17 13.71 12.14
N ALA B 29 -17.17 13.96 12.98
CA ALA B 29 -16.99 13.82 14.42
C ALA B 29 -16.73 12.38 14.81
N GLN B 30 -17.42 11.44 14.15
CA GLN B 30 -17.25 10.03 14.48
C GLN B 30 -15.90 9.52 14.02
N VAL B 31 -15.56 9.73 12.74
CA VAL B 31 -14.32 9.20 12.21
C VAL B 31 -13.13 9.99 12.73
N PHE B 32 -13.07 11.28 12.40
CA PHE B 32 -11.89 12.07 12.74
C PHE B 32 -11.87 12.49 14.20
N GLY B 33 -13.02 12.79 14.78
CA GLY B 33 -13.05 13.18 16.18
C GLY B 33 -13.32 12.07 17.17
N GLN B 34 -13.15 10.84 16.71
CA GLN B 34 -13.30 9.63 17.55
C GLN B 34 -14.49 9.74 18.50
N GLN B 35 -15.63 10.21 17.98
CA GLN B 35 -16.87 10.23 18.79
C GLN B 35 -17.70 9.00 18.38
N THR B 36 -18.49 8.48 19.29
CA THR B 36 -19.18 7.21 18.98
C THR B 36 -20.67 7.49 18.80
N ASP B 37 -21.29 8.06 19.81
CA ASP B 37 -22.72 8.42 19.70
C ASP B 37 -22.81 9.79 19.07
N VAL B 38 -23.75 9.98 18.14
CA VAL B 38 -23.94 11.32 17.53
C VAL B 38 -25.44 11.57 17.40
N THR B 39 -25.90 12.70 17.94
CA THR B 39 -27.35 13.01 17.91
C THR B 39 -27.57 14.29 17.11
N MET B 40 -26.65 15.24 17.24
CA MET B 40 -26.72 16.47 16.42
C MET B 40 -25.30 16.97 16.25
N ALA B 41 -24.75 16.85 15.06
CA ALA B 41 -23.41 17.40 14.85
C ALA B 41 -23.47 18.70 14.05
N GLN B 42 -22.78 19.73 14.51
CA GLN B 42 -22.83 21.06 13.88
C GLN B 42 -21.45 21.58 13.53
N MET B 43 -21.34 22.56 12.63
CA MET B 43 -20.08 23.16 12.19
C MET B 43 -20.08 24.62 12.60
N GLN B 44 -19.30 24.92 13.65
CA GLN B 44 -19.20 26.32 14.16
C GLN B 44 -18.41 27.18 13.17
N ALA B 45 -17.16 26.85 12.91
CA ALA B 45 -16.31 27.69 12.05
C ALA B 45 -15.24 26.89 11.30
N ILE B 46 -14.77 27.39 10.16
CA ILE B 46 -13.68 26.72 9.39
C ILE B 46 -12.56 27.74 9.25
N ASP B 47 -11.33 27.31 9.51
CA ASP B 47 -10.16 28.21 9.45
C ASP B 47 -9.19 27.65 8.42
N PRO B 48 -8.30 28.46 7.82
CA PRO B 48 -7.43 27.99 6.76
C PRO B 48 -6.87 26.59 6.96
N THR B 49 -6.55 26.23 8.20
CA THR B 49 -5.90 24.91 8.41
C THR B 49 -6.85 23.93 9.10
N GLY B 50 -7.96 24.41 9.67
CA GLY B 50 -8.81 23.48 10.42
C GLY B 50 -10.30 23.75 10.43
N MET B 51 -11.00 23.21 11.43
CA MET B 51 -12.48 23.29 11.50
C MET B 51 -12.91 23.11 12.96
N ASP B 52 -13.97 23.79 13.38
CA ASP B 52 -14.51 23.67 14.76
C ASP B 52 -15.90 23.05 14.70
N LEU B 53 -16.11 21.92 15.36
CA LEU B 53 -17.39 21.16 15.35
C LEU B 53 -18.03 21.15 16.72
N VAL B 54 -19.36 21.26 16.78
CA VAL B 54 -20.10 21.11 18.07
C VAL B 54 -20.78 19.76 18.03
N VAL B 55 -20.35 18.84 18.89
CA VAL B 55 -20.96 17.50 18.96
C VAL B 55 -21.90 17.50 20.17
N GLU B 56 -23.19 17.27 19.93
CA GLU B 56 -24.19 17.35 21.02
C GLU B 56 -24.47 15.96 21.55
N SER B 57 -23.51 15.08 21.44
CA SER B 57 -23.77 13.67 21.84
C SER B 57 -22.69 13.08 22.74
N GLU B 58 -22.76 11.78 22.99
CA GLU B 58 -21.79 11.08 23.86
C GLU B 58 -21.76 11.83 25.19
N GLY B 59 -20.63 12.41 25.55
CA GLY B 59 -20.52 13.09 26.84
C GLY B 59 -21.63 14.09 26.97
N GLY B 60 -21.78 14.97 25.98
CA GLY B 60 -22.86 15.98 25.99
C GLY B 60 -22.41 17.20 25.22
N SER B 61 -22.63 18.38 25.77
CA SER B 61 -22.06 19.58 25.11
C SER B 61 -20.57 19.34 24.86
N LYS B 62 -20.14 19.37 23.61
CA LYS B 62 -18.73 19.07 23.31
C LYS B 62 -18.28 19.78 22.03
N THR B 63 -17.36 20.73 22.18
CA THR B 63 -16.76 21.41 21.00
C THR B 63 -15.39 20.79 20.71
N ILE B 64 -15.22 20.24 19.52
CA ILE B 64 -13.91 19.65 19.11
C ILE B 64 -13.38 20.43 17.92
N ARG B 65 -12.13 20.17 17.52
CA ARG B 65 -11.54 20.84 16.34
C ARG B 65 -10.82 19.80 15.48
N ILE B 66 -11.19 19.72 14.20
CA ILE B 66 -10.50 18.79 13.26
C ILE B 66 -9.59 19.63 12.36
N GLU B 67 -8.35 19.84 12.79
CA GLU B 67 -7.38 20.58 11.93
C GLU B 67 -7.00 19.69 10.75
N PHE B 68 -7.37 20.10 9.53
CA PHE B 68 -7.07 19.31 8.32
C PHE B 68 -5.55 19.20 8.15
N GLU B 69 -5.07 17.99 7.83
CA GLU B 69 -3.61 17.79 7.61
C GLU B 69 -3.14 18.63 6.40
N GLN B 70 -4.04 18.95 5.47
CA GLN B 70 -3.69 19.80 4.30
C GLN B 70 -4.30 21.19 4.49
N PRO B 71 -3.49 22.27 4.60
CA PRO B 71 -4.02 23.63 4.71
C PRO B 71 -4.80 24.08 3.46
N LEU B 72 -5.78 24.96 3.65
CA LEU B 72 -6.63 25.41 2.52
C LEU B 72 -6.08 26.71 1.90
N LYS B 73 -6.65 27.13 0.76
CA LYS B 73 -6.26 28.41 0.14
C LYS B 73 -7.50 29.28 -0.05
N ASP B 74 -8.63 28.69 -0.43
CA ASP B 74 -9.85 29.41 -0.74
C ASP B 74 -11.05 28.59 -0.30
N SER B 75 -12.24 29.16 -0.49
CA SER B 75 -13.46 28.44 -0.13
C SER B 75 -13.60 27.15 -0.92
N GLU B 76 -13.07 27.10 -2.14
CA GLU B 76 -13.17 25.89 -2.94
C GLU B 76 -12.39 24.74 -2.30
N ASP B 77 -11.20 25.03 -1.78
CA ASP B 77 -10.45 23.99 -1.09
C ASP B 77 -11.25 23.42 0.07
N ALA B 78 -12.08 24.26 0.71
CA ALA B 78 -12.92 23.77 1.79
C ALA B 78 -13.90 22.72 1.28
N ALA B 79 -14.63 23.04 0.20
CA ALA B 79 -15.60 22.10 -0.31
C ALA B 79 -14.92 20.82 -0.79
N GLN B 80 -13.82 20.96 -1.52
CA GLN B 80 -13.12 19.78 -2.01
C GLN B 80 -12.58 18.95 -0.84
N VAL B 81 -12.02 19.62 0.17
CA VAL B 81 -11.51 18.91 1.33
C VAL B 81 -12.67 18.30 2.10
N LEU B 82 -13.75 19.05 2.28
CA LEU B 82 -14.91 18.52 3.01
C LEU B 82 -15.50 17.32 2.29
N ILE B 83 -15.62 17.39 0.97
CA ILE B 83 -16.15 16.26 0.22
C ILE B 83 -15.24 15.04 0.37
N ALA B 84 -13.93 15.24 0.28
CA ALA B 84 -13.02 14.10 0.37
C ALA B 84 -13.02 13.51 1.77
N MET B 85 -13.09 14.35 2.80
CA MET B 85 -13.10 13.84 4.16
C MET B 85 -14.36 13.03 4.44
N ALA B 86 -15.50 13.46 3.89
CA ALA B 86 -16.72 12.70 4.08
C ALA B 86 -16.65 11.35 3.38
N LYS B 87 -16.11 11.32 2.15
CA LYS B 87 -15.98 10.05 1.45
C LYS B 87 -15.04 9.10 2.19
N GLN B 88 -13.90 9.61 2.66
CA GLN B 88 -12.98 8.77 3.42
C GLN B 88 -13.64 8.27 4.70
N ALA B 89 -14.44 9.12 5.34
CA ALA B 89 -15.15 8.70 6.54
C ALA B 89 -16.18 7.62 6.24
N ALA B 90 -16.77 7.65 5.04
CA ALA B 90 -17.75 6.63 4.66
C ALA B 90 -17.11 5.24 4.61
N SER B 91 -15.82 5.16 4.33
CA SER B 91 -15.16 3.86 4.25
C SER B 91 -14.97 3.26 5.64
N VAL B 92 -14.63 4.10 6.62
CA VAL B 92 -14.49 3.60 7.98
C VAL B 92 -15.82 3.08 8.50
N GLY B 93 -16.89 3.81 8.20
CA GLY B 93 -18.22 3.40 8.62
C GLY B 93 -18.58 2.00 8.16
N LYS B 94 -17.94 1.51 7.10
CA LYS B 94 -18.25 0.19 6.59
C LYS B 94 -17.71 -0.92 7.49
N ASN B 95 -16.75 -0.60 8.35
CA ASN B 95 -16.23 -1.55 9.34
C ASN B 95 -16.84 -1.18 10.69
N SER B 96 -17.98 -1.81 10.99
CA SER B 96 -18.72 -1.47 12.19
C SER B 96 -17.92 -1.83 13.45
N ALA B 97 -18.01 -0.97 14.45
CA ALA B 97 -17.41 -1.20 15.76
C ALA B 97 -18.50 -1.49 16.77
N GLU B 98 -18.39 -2.60 17.48
CA GLU B 98 -19.39 -2.98 18.46
C GLU B 98 -18.74 -3.33 19.79
N ASN B 99 -19.52 -3.89 20.72
CA ASN B 99 -19.02 -4.27 22.02
C ASN B 99 -19.28 -5.75 22.28
N LEU B 100 -18.48 -6.31 23.18
CA LEU B 100 -18.63 -7.72 23.55
C LEU B 100 -19.44 -7.86 24.83
N ASP C 3 -3.97 -21.22 3.75
CA ASP C 3 -4.18 -21.60 5.14
C ASP C 3 -5.59 -21.29 5.59
N PRO C 4 -6.51 -22.24 5.39
CA PRO C 4 -7.92 -21.96 5.67
C PRO C 4 -8.12 -21.55 7.12
N LEU C 5 -9.10 -20.68 7.32
CA LEU C 5 -9.39 -20.12 8.64
C LEU C 5 -9.76 -21.21 9.63
N THR C 6 -9.03 -21.27 10.74
CA THR C 6 -9.28 -22.21 11.82
C THR C 6 -8.95 -21.54 13.14
N PRO C 7 -9.56 -22.00 14.24
CA PRO C 7 -9.26 -21.42 15.56
C PRO C 7 -7.80 -21.52 15.95
N ALA C 8 -7.09 -22.57 15.51
CA ALA C 8 -5.67 -22.67 15.82
C ALA C 8 -4.85 -21.63 15.07
N ILE C 9 -5.22 -21.37 13.80
CA ILE C 9 -4.51 -20.35 13.03
C ILE C 9 -4.67 -18.98 13.67
N SER C 10 -5.85 -18.70 14.24
CA SER C 10 -6.08 -17.41 14.87
C SER C 10 -5.10 -17.16 16.01
N ASP C 11 -4.81 -18.18 16.80
CA ASP C 11 -3.87 -18.01 17.91
C ASP C 11 -2.52 -17.54 17.40
N ARG C 12 -2.07 -18.06 16.28
CA ARG C 12 -0.74 -17.67 15.75
C ARG C 12 -0.81 -16.23 15.27
N ILE C 13 -1.85 -15.90 14.49
CA ILE C 13 -1.95 -14.56 13.93
C ILE C 13 -2.00 -13.52 15.04
N CYS C 14 -2.84 -13.75 16.05
CA CYS C 14 -2.95 -12.77 17.12
C CYS C 14 -1.63 -12.63 17.88
N LYS C 15 -0.83 -13.69 17.92
CA LYS C 15 0.48 -13.60 18.56
C LYS C 15 1.43 -12.74 17.76
N HIS C 16 1.46 -12.94 16.44
CA HIS C 16 2.33 -12.13 15.58
C HIS C 16 1.96 -10.65 15.64
N MET C 17 0.66 -10.34 15.60
CA MET C 17 0.25 -8.94 15.57
C MET C 17 0.55 -8.25 16.91
N ASN C 18 0.38 -8.95 18.02
CA ASN C 18 0.62 -8.36 19.32
C ASN C 18 2.11 -8.19 19.61
N GLU C 19 2.98 -8.73 18.77
CA GLU C 19 4.40 -8.44 19.08
C GLU C 19 5.02 -7.62 17.95
N ASP C 20 4.69 -7.94 16.70
CA ASP C 20 5.39 -7.24 15.63
C ASP C 20 4.68 -6.00 15.12
N HIS C 21 3.36 -5.88 15.29
CA HIS C 21 2.61 -4.76 14.75
C HIS C 21 1.62 -4.22 15.78
N ALA C 22 2.05 -4.13 17.03
CA ALA C 22 1.15 -3.64 18.08
C ALA C 22 0.71 -2.21 17.80
N SER C 23 1.52 -1.43 17.09
CA SER C 23 1.11 -0.07 16.75
C SER C 23 -0.15 -0.08 15.90
N ALA C 24 -0.22 -0.99 14.92
CA ALA C 24 -1.40 -1.08 14.08
C ALA C 24 -2.63 -1.42 14.90
N ILE C 25 -2.49 -2.29 15.90
CA ILE C 25 -3.61 -2.64 16.76
C ILE C 25 -4.15 -1.39 17.44
N ALA C 26 -3.25 -0.50 17.88
CA ALA C 26 -3.69 0.76 18.46
C ALA C 26 -4.47 1.58 17.46
N LEU C 27 -4.01 1.64 16.22
CA LEU C 27 -4.71 2.39 15.19
C LEU C 27 -6.11 1.82 14.97
N TYR C 28 -6.23 0.49 14.94
CA TYR C 28 -7.53 -0.13 14.75
C TYR C 28 -8.53 0.33 15.80
N ALA C 29 -8.13 0.30 17.06
CA ALA C 29 -9.07 0.61 18.13
C ALA C 29 -9.55 2.05 18.07
N GLN C 30 -8.66 2.98 17.75
CA GLN C 30 -9.07 4.39 17.70
C GLN C 30 -9.92 4.66 16.46
N VAL C 31 -9.43 4.28 15.29
CA VAL C 31 -10.16 4.58 14.06
C VAL C 31 -11.39 3.71 13.94
N PHE C 32 -11.20 2.39 13.84
CA PHE C 32 -12.31 1.48 13.61
C PHE C 32 -13.11 1.21 14.87
N GLY C 33 -12.47 1.19 16.04
CA GLY C 33 -13.18 0.94 17.27
C GLY C 33 -13.76 2.17 17.95
N GLN C 34 -13.36 3.35 17.49
CA GLN C 34 -13.89 4.62 18.00
C GLN C 34 -13.58 4.81 19.48
N GLN C 35 -12.48 4.25 19.95
CA GLN C 35 -12.04 4.47 21.32
C GLN C 35 -10.97 5.55 21.33
N THR C 36 -11.04 6.42 22.34
CA THR C 36 -10.12 7.55 22.46
C THR C 36 -8.99 7.26 23.45
N ASP C 37 -9.33 6.78 24.64
CA ASP C 37 -8.33 6.47 25.65
C ASP C 37 -7.77 5.10 25.32
N VAL C 38 -6.58 5.09 24.72
CA VAL C 38 -5.88 3.88 24.33
C VAL C 38 -4.62 3.77 25.17
N THR C 39 -4.53 2.66 25.91
CA THR C 39 -3.37 2.46 26.79
C THR C 39 -2.63 1.21 26.31
N MET C 40 -3.30 0.07 26.41
CA MET C 40 -2.72 -1.18 25.88
C MET C 40 -3.71 -1.80 24.89
N ALA C 41 -3.42 -1.73 23.58
CA ALA C 41 -4.33 -2.31 22.57
C ALA C 41 -3.89 -3.72 22.20
N GLN C 42 -4.76 -4.70 22.37
CA GLN C 42 -4.37 -6.12 22.15
C GLN C 42 -5.31 -6.84 21.19
N MET C 43 -4.82 -7.84 20.46
CA MET C 43 -5.67 -8.65 19.58
C MET C 43 -5.87 -9.99 20.28
N GLN C 44 -7.03 -10.15 20.93
CA GLN C 44 -7.29 -11.37 21.68
C GLN C 44 -7.53 -12.55 20.76
N ALA C 45 -8.35 -12.35 19.73
CA ALA C 45 -8.67 -13.44 18.83
C ALA C 45 -9.16 -12.86 17.51
N ILE C 46 -8.99 -13.64 16.43
CA ILE C 46 -9.43 -13.25 15.11
C ILE C 46 -10.26 -14.39 14.52
N ASP C 47 -11.30 -14.03 13.79
CA ASP C 47 -12.24 -14.97 13.21
C ASP C 47 -12.54 -14.55 11.77
N PRO C 48 -13.07 -15.47 10.96
CA PRO C 48 -13.43 -15.09 9.58
C PRO C 48 -14.39 -13.93 9.52
N THR C 49 -15.18 -13.72 10.57
CA THR C 49 -16.12 -12.61 10.61
C THR C 49 -15.47 -11.33 11.14
N GLY C 50 -14.68 -11.43 12.20
CA GLY C 50 -14.06 -10.25 12.77
C GLY C 50 -12.98 -10.63 13.75
N MET C 51 -12.47 -9.61 14.43
CA MET C 51 -11.43 -9.78 15.43
C MET C 51 -11.88 -9.11 16.71
N ASP C 52 -11.34 -9.59 17.83
CA ASP C 52 -11.66 -9.06 19.15
C ASP C 52 -10.44 -8.35 19.70
N LEU C 53 -10.57 -7.05 19.94
CA LEU C 53 -9.44 -6.27 20.50
C LEU C 53 -9.74 -5.98 21.97
N VAL C 54 -8.68 -5.85 22.78
CA VAL C 54 -8.85 -5.57 24.23
C VAL C 54 -8.01 -4.33 24.58
N VAL C 55 -8.65 -3.27 25.07
CA VAL C 55 -7.90 -2.04 25.49
C VAL C 55 -8.17 -1.82 26.99
N GLU C 56 -7.46 -2.54 27.87
CA GLU C 56 -7.71 -2.45 29.34
C GLU C 56 -7.74 -0.99 29.81
N SER C 57 -8.74 -0.60 30.60
CA SER C 57 -8.86 0.83 30.98
C SER C 57 -9.51 0.99 32.36
N GLU C 58 -9.69 2.24 32.80
CA GLU C 58 -10.37 2.51 34.10
C GLU C 58 -11.82 2.04 34.02
N GLY C 59 -12.19 1.06 34.84
CA GLY C 59 -13.56 0.52 34.82
C GLY C 59 -13.67 -0.74 33.97
N GLY C 60 -12.56 -1.48 33.79
CA GLY C 60 -12.60 -2.75 33.05
C GLY C 60 -11.95 -2.68 31.68
N SER C 61 -11.48 -3.82 31.17
CA SER C 61 -10.85 -3.87 29.82
C SER C 61 -11.90 -3.61 28.74
N LYS C 62 -11.56 -2.82 27.72
CA LYS C 62 -12.47 -2.58 26.60
C LYS C 62 -12.51 -3.84 25.77
N THR C 63 -13.47 -4.70 26.03
CA THR C 63 -13.73 -5.89 25.17
C THR C 63 -14.53 -5.40 23.96
N ILE C 64 -13.88 -5.27 22.80
CA ILE C 64 -14.57 -4.68 21.61
C ILE C 64 -14.43 -5.60 20.38
N ARG C 65 -15.40 -5.54 19.47
CA ARG C 65 -15.37 -6.40 18.25
C ARG C 65 -15.38 -5.56 16.99
N ILE C 66 -14.41 -5.77 16.11
CA ILE C 66 -14.35 -5.11 14.82
C ILE C 66 -14.50 -6.18 13.76
N GLU C 67 -15.47 -5.99 12.86
CA GLU C 67 -15.79 -6.96 11.84
C GLU C 67 -15.20 -6.56 10.51
N PHE C 68 -14.71 -7.54 9.77
CA PHE C 68 -14.19 -7.30 8.43
C PHE C 68 -15.36 -7.33 7.46
N GLU C 69 -15.50 -6.28 6.65
CA GLU C 69 -16.67 -6.16 5.79
C GLU C 69 -16.83 -7.39 4.91
N GLN C 70 -15.78 -7.79 4.22
CA GLN C 70 -15.83 -9.00 3.41
C GLN C 70 -15.14 -10.15 4.12
N PRO C 71 -15.79 -11.30 4.23
CA PRO C 71 -15.25 -12.40 5.04
C PRO C 71 -13.88 -12.87 4.57
N LEU C 72 -13.10 -13.36 5.53
CA LEU C 72 -11.75 -13.87 5.29
C LEU C 72 -11.76 -15.38 5.15
N LYS C 73 -10.92 -15.89 4.25
CA LYS C 73 -10.82 -17.33 4.01
C LYS C 73 -9.56 -17.96 4.59
N ASP C 74 -8.38 -17.38 4.37
CA ASP C 74 -7.15 -17.99 4.84
C ASP C 74 -6.32 -16.96 5.61
N SER C 75 -5.19 -17.42 6.15
CA SER C 75 -4.33 -16.52 6.91
C SER C 75 -3.78 -15.39 6.05
N GLU C 76 -3.54 -15.66 4.77
CA GLU C 76 -3.06 -14.59 3.89
C GLU C 76 -4.15 -13.55 3.69
N ASP C 77 -5.41 -13.96 3.60
CA ASP C 77 -6.54 -13.03 3.34
C ASP C 77 -6.73 -12.14 4.56
N ALA C 78 -6.45 -12.68 5.73
CA ALA C 78 -6.56 -11.91 6.97
C ALA C 78 -5.54 -10.78 6.99
N ALA C 79 -4.29 -11.07 6.66
CA ALA C 79 -3.21 -10.06 6.71
C ALA C 79 -3.48 -9.00 5.67
N GLN C 80 -3.86 -9.40 4.48
CA GLN C 80 -4.18 -8.41 3.43
C GLN C 80 -5.19 -7.42 3.99
N VAL C 81 -6.22 -7.91 4.67
CA VAL C 81 -7.28 -7.04 5.25
C VAL C 81 -6.65 -6.17 6.32
N LEU C 82 -5.86 -6.75 7.19
CA LEU C 82 -5.23 -5.99 8.28
C LEU C 82 -4.35 -4.88 7.69
N ILE C 83 -3.39 -5.21 6.85
CA ILE C 83 -2.45 -4.19 6.30
C ILE C 83 -3.28 -3.08 5.68
N ALA C 84 -4.39 -3.37 5.04
CA ALA C 84 -5.13 -2.27 4.39
C ALA C 84 -5.90 -1.43 5.40
N MET C 85 -6.37 -2.04 6.48
CA MET C 85 -7.12 -1.34 7.54
C MET C 85 -6.19 -0.39 8.28
N ALA C 86 -4.92 -0.75 8.38
CA ALA C 86 -3.94 0.08 9.11
C ALA C 86 -3.54 1.26 8.26
N LYS C 87 -3.49 1.09 6.94
CA LYS C 87 -3.16 2.20 6.03
C LYS C 87 -4.31 3.21 6.03
N GLN C 88 -5.55 2.73 6.08
CA GLN C 88 -6.72 3.62 6.18
C GLN C 88 -6.67 4.29 7.53
N ALA C 89 -6.10 3.63 8.53
CA ALA C 89 -6.05 4.18 9.88
C ALA C 89 -4.92 5.20 9.97
N ALA C 90 -3.87 5.03 9.18
CA ALA C 90 -2.73 5.96 9.20
C ALA C 90 -3.17 7.23 8.51
N SER C 91 -3.88 7.09 7.40
CA SER C 91 -4.40 8.28 6.70
C SER C 91 -5.35 9.02 7.63
N VAL C 92 -6.33 8.33 8.21
CA VAL C 92 -7.35 9.05 9.02
C VAL C 92 -6.67 9.68 10.22
N GLY C 93 -5.74 8.96 10.86
CA GLY C 93 -5.11 9.47 12.09
C GLY C 93 -4.36 10.75 11.83
N LYS C 94 -3.85 10.93 10.62
CA LYS C 94 -3.07 12.14 10.29
C LYS C 94 -4.02 13.32 10.39
N ASN C 95 -5.18 13.23 9.75
CA ASN C 95 -6.20 14.27 9.83
C ASN C 95 -7.06 14.08 11.08
N SER C 96 -6.38 14.06 12.23
CA SER C 96 -7.02 13.78 13.52
C SER C 96 -7.65 15.04 14.11
N ALA C 97 -8.36 14.85 15.21
CA ALA C 97 -9.09 15.91 15.89
C ALA C 97 -8.53 16.09 17.30
N GLU C 98 -9.08 17.08 18.01
CA GLU C 98 -8.60 17.39 19.36
C GLU C 98 -9.54 18.41 19.99
N ASN C 99 -9.55 18.41 21.32
CA ASN C 99 -10.37 19.35 22.08
C ASN C 99 -9.72 20.72 22.11
N ASP D 3 8.54 -20.66 13.29
CA ASP D 3 8.82 -21.97 12.74
C ASP D 3 10.24 -21.97 12.16
N PRO D 4 10.96 -23.07 12.32
CA PRO D 4 12.37 -23.08 11.91
C PRO D 4 12.52 -22.81 10.41
N LEU D 5 13.60 -22.13 10.07
CA LEU D 5 13.86 -21.78 8.67
C LEU D 5 14.01 -23.03 7.83
N THR D 6 13.26 -23.10 6.74
CA THR D 6 13.33 -24.22 5.83
C THR D 6 13.23 -23.72 4.40
N PRO D 7 13.82 -24.44 3.44
CA PRO D 7 13.65 -24.04 2.04
C PRO D 7 12.20 -24.00 1.60
N ALA D 8 11.36 -24.85 2.17
CA ALA D 8 9.92 -24.79 1.88
C ALA D 8 9.29 -23.56 2.51
N ILE D 9 9.70 -23.23 3.74
CA ILE D 9 9.22 -22.03 4.41
C ILE D 9 9.63 -20.79 3.63
N SER D 10 10.85 -20.82 3.07
CA SER D 10 11.34 -19.69 2.29
C SER D 10 10.44 -19.42 1.09
N ASP D 11 10.00 -20.49 0.41
CA ASP D 11 9.11 -20.31 -0.73
C ASP D 11 7.84 -19.57 -0.31
N ARG D 12 7.35 -19.88 0.89
CA ARG D 12 6.11 -19.24 1.39
C ARG D 12 6.38 -17.78 1.71
N ILE D 13 7.52 -17.50 2.31
CA ILE D 13 7.85 -16.11 2.63
C ILE D 13 8.01 -15.28 1.35
N CYS D 14 8.74 -15.83 0.37
CA CYS D 14 8.93 -15.09 -0.88
C CYS D 14 7.61 -14.87 -1.61
N LYS D 15 6.64 -15.77 -1.44
CA LYS D 15 5.35 -15.58 -2.08
C LYS D 15 4.59 -14.41 -1.45
N HIS D 16 4.58 -14.33 -0.12
CA HIS D 16 3.93 -13.22 0.57
C HIS D 16 4.55 -11.89 0.16
N MET D 17 5.87 -11.85 0.06
CA MET D 17 6.56 -10.60 -0.24
C MET D 17 6.27 -10.13 -1.67
N ASN D 18 6.18 -11.05 -2.63
CA ASN D 18 5.97 -10.66 -4.01
C ASN D 18 4.55 -10.18 -4.30
N GLU D 19 3.61 -10.40 -3.39
CA GLU D 19 2.22 -10.02 -3.63
C GLU D 19 1.68 -9.00 -2.65
N ASP D 20 2.23 -8.92 -1.44
CA ASP D 20 1.76 -7.96 -0.44
C ASP D 20 2.74 -6.84 -0.15
N HIS D 21 4.03 -7.05 -0.40
CA HIS D 21 5.04 -6.04 -0.07
C HIS D 21 6.04 -5.91 -1.22
N ALA D 22 5.55 -5.95 -2.46
CA ALA D 22 6.44 -5.87 -3.61
C ALA D 22 7.20 -4.56 -3.68
N SER D 23 6.61 -3.49 -3.11
CA SER D 23 7.31 -2.20 -3.12
C SER D 23 8.62 -2.27 -2.35
N ALA D 24 8.61 -2.92 -1.19
CA ALA D 24 9.82 -3.02 -0.38
C ALA D 24 10.94 -3.72 -1.14
N ILE D 25 10.60 -4.75 -1.91
CA ILE D 25 11.63 -5.46 -2.68
C ILE D 25 12.35 -4.50 -3.61
N ALA D 26 11.61 -3.58 -4.23
CA ALA D 26 12.27 -2.57 -5.07
C ALA D 26 13.23 -1.73 -4.25
N LEU D 27 12.81 -1.31 -3.06
CA LEU D 27 13.69 -0.52 -2.20
C LEU D 27 14.94 -1.30 -1.81
N TYR D 28 14.77 -2.56 -1.46
CA TYR D 28 15.92 -3.34 -0.97
C TYR D 28 17.01 -3.32 -2.02
N ALA D 29 16.66 -3.40 -3.29
CA ALA D 29 17.69 -3.51 -4.35
C ALA D 29 18.29 -2.16 -4.72
N GLN D 30 17.63 -1.05 -4.41
CA GLN D 30 18.21 0.28 -4.66
C GLN D 30 19.10 0.61 -3.48
N VAL D 31 18.58 0.53 -2.27
CA VAL D 31 19.37 0.93 -1.08
C VAL D 31 20.47 -0.10 -0.80
N PHE D 32 20.16 -1.39 -0.80
CA PHE D 32 21.15 -2.40 -0.39
C PHE D 32 21.84 -3.03 -1.59
N GLY D 33 21.21 -2.99 -2.75
CA GLY D 33 21.83 -3.53 -3.97
C GLY D 33 22.35 -2.42 -4.85
N GLN D 34 22.11 -1.17 -4.43
CA GLN D 34 22.65 0.02 -5.13
C GLN D 34 22.28 0.01 -6.63
N GLN D 35 21.05 -0.39 -6.95
CA GLN D 35 20.57 -0.28 -8.36
C GLN D 35 19.83 1.07 -8.49
N THR D 36 19.98 1.77 -9.61
CA THR D 36 19.40 3.13 -9.75
C THR D 36 17.97 3.03 -10.27
N ASP D 37 17.81 2.43 -11.44
CA ASP D 37 16.46 2.22 -12.00
C ASP D 37 15.70 1.27 -11.08
N VAL D 38 14.39 1.48 -10.94
CA VAL D 38 13.63 0.67 -9.96
C VAL D 38 12.84 -0.40 -10.70
N THR D 39 11.81 0.00 -11.46
CA THR D 39 10.94 -0.94 -12.21
C THR D 39 10.34 -2.00 -11.30
N MET D 40 10.15 -3.21 -11.82
CA MET D 40 9.61 -4.33 -11.01
C MET D 40 10.73 -4.91 -10.14
N ALA D 41 10.35 -5.62 -9.09
CA ALA D 41 11.34 -6.16 -8.16
C ALA D 41 10.82 -7.46 -7.58
N GLN D 42 11.61 -8.53 -7.60
CA GLN D 42 11.05 -9.82 -7.18
C GLN D 42 11.95 -10.58 -6.20
N MET D 43 11.37 -11.15 -5.15
CA MET D 43 12.14 -11.98 -4.18
C MET D 43 12.12 -13.42 -4.68
N GLN D 44 13.19 -13.86 -5.33
CA GLN D 44 13.27 -15.22 -5.91
C GLN D 44 13.39 -16.24 -4.78
N ALA D 45 14.25 -15.97 -3.81
CA ALA D 45 14.44 -16.92 -2.73
C ALA D 45 15.08 -16.21 -1.53
N ILE D 46 14.84 -16.77 -0.36
CA ILE D 46 15.42 -16.27 0.89
C ILE D 46 16.07 -17.43 1.63
N ASP D 47 17.17 -17.13 2.30
CA ASP D 47 17.97 -18.13 3.00
C ASP D 47 18.35 -17.59 4.37
N PRO D 48 18.75 -18.46 5.30
CA PRO D 48 19.16 -17.97 6.62
C PRO D 48 20.29 -16.97 6.58
N THR D 49 21.13 -17.01 5.54
CA THR D 49 22.22 -16.06 5.39
C THR D 49 21.78 -14.82 4.61
N GLY D 50 21.02 -14.99 3.54
CA GLY D 50 20.60 -13.85 2.75
C GLY D 50 19.49 -14.25 1.79
N MET D 51 19.13 -13.31 0.93
CA MET D 51 18.06 -13.49 -0.03
C MET D 51 18.56 -13.14 -1.42
N ASP D 52 17.93 -13.73 -2.43
CA ASP D 52 18.27 -13.51 -3.82
C ASP D 52 17.14 -12.75 -4.52
N LEU D 53 17.48 -11.60 -5.09
CA LEU D 53 16.53 -10.72 -5.76
C LEU D 53 16.79 -10.70 -7.26
N VAL D 54 15.70 -10.66 -8.04
CA VAL D 54 15.79 -10.50 -9.48
C VAL D 54 15.39 -9.04 -9.74
N VAL D 55 16.38 -8.21 -10.03
CA VAL D 55 16.19 -6.79 -10.23
C VAL D 55 16.27 -6.45 -11.71
N GLU D 56 15.21 -5.81 -12.22
CA GLU D 56 15.26 -5.29 -13.60
C GLU D 56 15.80 -3.87 -13.45
N SER D 57 16.93 -3.55 -14.07
CA SER D 57 17.58 -2.23 -13.80
C SER D 57 17.99 -1.51 -15.07
N GLU D 58 18.78 -0.47 -14.89
CA GLU D 58 19.31 0.25 -16.07
C GLU D 58 20.17 -0.75 -16.85
N GLY D 59 20.99 -1.55 -16.16
CA GLY D 59 21.79 -2.59 -16.85
C GLY D 59 20.88 -3.59 -17.54
N GLY D 60 19.82 -4.03 -16.85
CA GLY D 60 18.90 -5.04 -17.40
C GLY D 60 18.56 -6.10 -16.37
N SER D 61 18.01 -7.22 -16.81
CA SER D 61 17.71 -8.33 -15.86
C SER D 61 18.94 -8.72 -15.06
N LYS D 62 18.92 -8.49 -13.75
CA LYS D 62 20.00 -8.88 -12.87
C LYS D 62 19.44 -9.69 -11.70
N THR D 63 20.17 -10.72 -11.32
CA THR D 63 19.83 -11.53 -10.16
C THR D 63 20.94 -11.30 -9.13
N ILE D 64 20.60 -10.60 -8.05
CA ILE D 64 21.55 -10.20 -7.04
C ILE D 64 21.20 -10.88 -5.72
N ARG D 65 22.15 -10.85 -4.78
CA ARG D 65 22.00 -11.45 -3.47
C ARG D 65 22.31 -10.41 -2.40
N ILE D 66 21.41 -10.27 -1.43
CA ILE D 66 21.59 -9.37 -0.30
C ILE D 66 21.67 -10.21 0.97
N GLU D 67 22.71 -10.01 1.75
CA GLU D 67 22.96 -10.79 2.96
C GLU D 67 22.54 -10.00 4.19
N PHE D 68 21.94 -10.70 5.15
CA PHE D 68 21.51 -10.11 6.41
C PHE D 68 22.64 -10.13 7.42
N GLU D 69 22.92 -8.98 8.03
CA GLU D 69 24.04 -8.88 8.96
C GLU D 69 23.95 -9.93 10.06
N GLN D 70 22.80 -10.02 10.71
CA GLN D 70 22.63 -11.07 11.71
C GLN D 70 21.86 -12.24 11.13
N PRO D 71 22.37 -13.46 11.27
CA PRO D 71 21.73 -14.61 10.63
C PRO D 71 20.30 -14.79 11.10
N LEU D 72 19.47 -15.34 10.23
CA LEU D 72 18.08 -15.58 10.54
C LEU D 72 17.91 -17.01 11.05
N LYS D 73 17.05 -17.16 12.06
CA LYS D 73 16.81 -18.45 12.69
C LYS D 73 15.48 -19.07 12.29
N ASP D 74 14.39 -18.31 12.34
CA ASP D 74 13.07 -18.84 12.02
C ASP D 74 12.37 -17.91 11.04
N SER D 75 11.17 -18.31 10.62
CA SER D 75 10.41 -17.50 9.68
C SER D 75 10.05 -16.14 10.29
N GLU D 76 9.88 -16.09 11.61
CA GLU D 76 9.55 -14.82 12.25
C GLU D 76 10.68 -13.81 12.11
N ASP D 77 11.93 -14.27 12.31
CA ASP D 77 13.07 -13.39 12.12
C ASP D 77 13.14 -12.85 10.70
N ALA D 78 12.69 -13.64 9.72
CA ALA D 78 12.68 -13.16 8.35
C ALA D 78 11.79 -11.93 8.21
N ALA D 79 10.55 -12.02 8.69
CA ALA D 79 9.65 -10.88 8.59
C ALA D 79 10.19 -9.67 9.34
N GLN D 80 10.71 -9.89 10.54
CA GLN D 80 11.22 -8.78 11.33
C GLN D 80 12.39 -8.10 10.63
N VAL D 81 13.29 -8.89 10.05
CA VAL D 81 14.41 -8.31 9.32
C VAL D 81 13.92 -7.62 8.05
N LEU D 82 12.97 -8.24 7.35
CA LEU D 82 12.45 -7.62 6.14
C LEU D 82 11.76 -6.31 6.46
N ILE D 83 10.97 -6.28 7.53
CA ILE D 83 10.30 -5.04 7.94
C ILE D 83 11.33 -3.97 8.30
N ALA D 84 12.34 -4.35 9.08
CA ALA D 84 13.33 -3.36 9.52
C ALA D 84 14.19 -2.87 8.35
N MET D 85 14.57 -3.76 7.44
CA MET D 85 15.38 -3.37 6.30
C MET D 85 14.63 -2.41 5.39
N ALA D 86 13.32 -2.63 5.22
CA ALA D 86 12.53 -1.72 4.40
C ALA D 86 12.43 -0.34 5.04
N LYS D 87 12.28 -0.30 6.36
CA LYS D 87 12.21 1.00 7.04
C LYS D 87 13.51 1.77 6.88
N GLN D 88 14.65 1.08 7.01
CA GLN D 88 15.93 1.75 6.82
C GLN D 88 16.06 2.29 5.40
N ALA D 89 15.58 1.54 4.42
CA ALA D 89 15.59 2.04 3.04
C ALA D 89 14.65 3.22 2.86
N ALA D 90 13.54 3.25 3.61
CA ALA D 90 12.62 4.38 3.52
C ALA D 90 13.27 5.68 3.99
N SER D 91 14.19 5.59 4.95
CA SER D 91 14.86 6.79 5.43
C SER D 91 15.91 7.26 4.43
N VAL D 92 16.64 6.33 3.82
CA VAL D 92 17.63 6.70 2.81
C VAL D 92 16.93 7.29 1.59
N GLY D 93 15.84 6.66 1.16
CA GLY D 93 15.10 7.15 0.00
C GLY D 93 14.62 8.57 0.17
N LYS D 94 14.42 9.01 1.41
CA LYS D 94 13.93 10.36 1.66
C LYS D 94 15.02 11.40 1.49
N ASN D 95 16.28 11.01 1.63
CA ASN D 95 17.41 11.86 1.25
C ASN D 95 17.92 11.47 -0.14
N SER D 96 17.02 11.56 -1.12
CA SER D 96 17.34 11.15 -2.48
C SER D 96 18.25 12.18 -3.17
N ALA D 97 18.80 11.78 -4.30
CA ALA D 97 19.73 12.60 -5.06
C ALA D 97 19.16 12.92 -6.43
N GLU D 98 19.85 13.82 -7.15
CA GLU D 98 19.48 14.21 -8.49
C GLU D 98 20.71 14.71 -9.23
N ASN D 99 20.73 14.50 -10.54
CA ASN D 99 21.87 14.93 -11.35
C ASN D 99 21.89 16.44 -11.47
N LEU D 100 22.95 17.06 -10.96
CA LEU D 100 23.05 18.51 -10.96
C LEU D 100 23.17 19.05 -12.38
N ASP E 3 -9.12 -23.19 -1.23
CA ASP E 3 -9.72 -24.45 -0.88
C ASP E 3 -8.62 -25.51 -0.91
N PRO E 4 -7.74 -25.48 0.08
CA PRO E 4 -6.55 -26.35 0.04
C PRO E 4 -6.94 -27.81 -0.06
N LEU E 5 -6.09 -28.58 -0.75
CA LEU E 5 -6.38 -29.98 -1.01
C LEU E 5 -6.60 -30.76 0.29
N THR E 6 -7.76 -31.39 0.39
CA THR E 6 -8.20 -32.17 1.53
C THR E 6 -8.96 -33.37 1.00
N PRO E 7 -9.04 -34.46 1.78
CA PRO E 7 -9.79 -35.63 1.30
C PRO E 7 -11.24 -35.34 0.96
N ALA E 8 -11.88 -34.39 1.65
CA ALA E 8 -13.25 -34.04 1.27
C ALA E 8 -13.26 -33.27 -0.05
N ILE E 9 -12.30 -32.36 -0.24
CA ILE E 9 -12.20 -31.63 -1.50
C ILE E 9 -11.91 -32.58 -2.65
N SER E 10 -11.09 -33.61 -2.40
CA SER E 10 -10.77 -34.56 -3.46
C SER E 10 -12.01 -35.25 -4.00
N ASP E 11 -12.91 -35.68 -3.11
CA ASP E 11 -14.16 -36.30 -3.56
C ASP E 11 -14.96 -35.34 -4.43
N ARG E 12 -15.01 -34.07 -4.05
CA ARG E 12 -15.78 -33.05 -4.81
C ARG E 12 -15.17 -32.86 -6.20
N ILE E 13 -13.85 -32.78 -6.27
CA ILE E 13 -13.18 -32.63 -7.56
C ILE E 13 -13.35 -33.88 -8.41
N CYS E 14 -13.13 -35.05 -7.82
CA CYS E 14 -13.22 -36.29 -8.59
C CYS E 14 -14.63 -36.55 -9.09
N LYS E 15 -15.66 -36.14 -8.34
CA LYS E 15 -17.02 -36.34 -8.82
C LYS E 15 -17.32 -35.40 -9.98
N HIS E 16 -16.89 -34.14 -9.88
CA HIS E 16 -17.05 -33.21 -10.99
C HIS E 16 -16.34 -33.71 -12.23
N MET E 17 -15.13 -34.24 -12.07
CA MET E 17 -14.37 -34.72 -13.21
C MET E 17 -15.01 -35.97 -13.80
N ASN E 18 -15.57 -36.83 -12.97
CA ASN E 18 -16.22 -38.04 -13.43
C ASN E 18 -17.57 -37.79 -14.09
N GLU E 19 -18.10 -36.58 -14.00
CA GLU E 19 -19.43 -36.27 -14.50
C GLU E 19 -19.43 -35.27 -15.64
N ASP E 20 -18.44 -34.37 -15.68
CA ASP E 20 -18.35 -33.37 -16.73
C ASP E 20 -17.16 -33.55 -17.67
N HIS E 21 -16.12 -34.26 -17.24
CA HIS E 21 -14.91 -34.39 -18.03
C HIS E 21 -14.42 -35.83 -18.04
N ALA E 22 -15.34 -36.79 -18.16
CA ALA E 22 -14.95 -38.20 -18.15
C ALA E 22 -14.03 -38.52 -19.33
N SER E 23 -14.18 -37.79 -20.45
CA SER E 23 -13.29 -38.01 -21.59
C SER E 23 -11.85 -37.69 -21.23
N ALA E 24 -11.64 -36.59 -20.50
CA ALA E 24 -10.27 -36.20 -20.12
C ALA E 24 -9.62 -37.27 -19.26
N ILE E 25 -10.38 -37.88 -18.35
CA ILE E 25 -9.82 -38.95 -17.52
C ILE E 25 -9.30 -40.09 -18.39
N ALA E 26 -10.04 -40.41 -19.46
CA ALA E 26 -9.56 -41.43 -20.40
C ALA E 26 -8.24 -41.04 -21.04
N LEU E 27 -8.10 -39.77 -21.44
CA LEU E 27 -6.85 -39.31 -22.05
C LEU E 27 -5.69 -39.46 -21.08
N TYR E 28 -5.90 -39.14 -19.81
CA TYR E 28 -4.84 -39.26 -18.82
C TYR E 28 -4.30 -40.69 -18.79
N ALA E 29 -5.20 -41.67 -18.75
CA ALA E 29 -4.78 -43.06 -18.66
C ALA E 29 -4.04 -43.50 -19.92
N GLN E 30 -4.49 -43.05 -21.09
CA GLN E 30 -3.85 -43.47 -22.34
C GLN E 30 -2.48 -42.81 -22.50
N VAL E 31 -2.42 -41.48 -22.43
CA VAL E 31 -1.16 -40.78 -22.62
C VAL E 31 -0.26 -40.96 -21.40
N PHE E 32 -0.69 -40.48 -20.23
CA PHE E 32 0.21 -40.45 -19.04
C PHE E 32 0.33 -41.80 -18.34
N GLY E 33 -0.71 -42.60 -18.40
CA GLY E 33 -0.66 -43.95 -17.80
C GLY E 33 -0.30 -45.00 -18.84
N GLN E 34 -0.09 -44.59 -20.08
CA GLN E 34 0.36 -45.51 -21.16
C GLN E 34 -0.53 -46.76 -21.23
N GLN E 35 -1.85 -46.58 -21.35
CA GLN E 35 -2.79 -47.73 -21.49
C GLN E 35 -3.33 -47.73 -22.92
N THR E 36 -3.89 -48.84 -23.38
CA THR E 36 -4.24 -48.89 -24.84
C THR E 36 -5.74 -48.75 -25.10
N ASP E 37 -6.53 -49.79 -24.80
CA ASP E 37 -7.96 -49.80 -25.18
C ASP E 37 -8.81 -49.44 -23.99
N VAL E 38 -8.98 -48.14 -23.74
CA VAL E 38 -9.77 -47.66 -22.57
C VAL E 38 -11.23 -47.55 -22.98
N THR E 39 -12.11 -48.17 -22.20
CA THR E 39 -13.55 -48.14 -22.50
C THR E 39 -14.21 -47.17 -21.54
N MET E 40 -13.90 -47.29 -20.27
CA MET E 40 -14.42 -46.34 -19.25
C MET E 40 -13.24 -45.91 -18.38
N ALA E 41 -13.16 -44.62 -18.06
CA ALA E 41 -12.08 -44.11 -17.20
C ALA E 41 -12.66 -43.29 -16.04
N GLN E 42 -12.22 -43.54 -14.80
CA GLN E 42 -12.77 -42.87 -13.59
C GLN E 42 -11.68 -42.27 -12.70
N MET E 43 -11.95 -41.15 -12.02
CA MET E 43 -10.99 -40.54 -11.06
C MET E 43 -11.39 -40.94 -9.64
N GLN E 44 -10.50 -41.62 -8.92
CA GLN E 44 -10.83 -42.12 -7.56
C GLN E 44 -10.44 -41.06 -6.55
N ALA E 45 -9.17 -40.65 -6.58
CA ALA E 45 -8.72 -39.63 -5.61
C ALA E 45 -7.67 -38.70 -6.22
N ILE E 46 -7.56 -37.48 -5.70
CA ILE E 46 -6.49 -36.54 -6.16
C ILE E 46 -5.77 -36.04 -4.90
N ASP E 47 -4.45 -36.21 -4.87
CA ASP E 47 -3.62 -35.80 -3.72
C ASP E 47 -2.82 -34.57 -4.13
N PRO E 48 -2.17 -33.84 -3.20
CA PRO E 48 -1.30 -32.75 -3.59
C PRO E 48 -0.17 -33.16 -4.54
N THR E 49 0.22 -34.42 -4.55
CA THR E 49 1.38 -34.86 -5.36
C THR E 49 0.91 -35.57 -6.64
N GLY E 50 -0.18 -36.33 -6.59
CA GLY E 50 -0.65 -37.08 -7.76
C GLY E 50 -2.12 -37.45 -7.72
N MET E 51 -2.58 -38.29 -8.64
CA MET E 51 -4.01 -38.74 -8.63
C MET E 51 -4.11 -40.25 -8.91
N ASP E 52 -5.19 -40.88 -8.45
CA ASP E 52 -5.40 -42.34 -8.67
C ASP E 52 -6.46 -42.54 -9.76
N LEU E 53 -6.20 -43.35 -10.77
CA LEU E 53 -7.16 -43.51 -11.87
C LEU E 53 -7.57 -44.98 -12.00
N VAL E 54 -8.86 -45.26 -12.16
CA VAL E 54 -9.38 -46.65 -12.40
C VAL E 54 -9.65 -46.82 -13.89
N VAL E 55 -8.86 -47.65 -14.56
CA VAL E 55 -8.93 -47.78 -16.05
C VAL E 55 -9.36 -49.20 -16.45
N GLU E 56 -10.08 -49.32 -17.56
CA GLU E 56 -10.42 -50.66 -18.11
C GLU E 56 -9.69 -50.77 -19.44
N SER E 57 -8.55 -51.46 -19.47
CA SER E 57 -7.70 -51.47 -20.70
C SER E 57 -7.66 -52.82 -21.40
N GLU E 58 -6.52 -53.13 -22.02
CA GLU E 58 -6.33 -54.42 -22.72
C GLU E 58 -6.38 -55.51 -21.67
N GLY E 59 -5.79 -55.26 -20.51
CA GLY E 59 -5.94 -56.23 -19.41
C GLY E 59 -7.23 -55.92 -18.68
N GLY E 60 -7.31 -56.22 -17.40
CA GLY E 60 -8.61 -56.02 -16.73
C GLY E 60 -8.73 -54.65 -16.12
N SER E 61 -9.53 -54.53 -15.08
CA SER E 61 -9.61 -53.24 -14.35
C SER E 61 -8.22 -52.93 -13.78
N LYS E 62 -7.74 -51.70 -13.96
CA LYS E 62 -6.38 -51.33 -13.49
C LYS E 62 -6.42 -50.08 -12.62
N THR E 63 -5.80 -50.15 -11.44
CA THR E 63 -5.69 -48.96 -10.56
C THR E 63 -4.32 -48.33 -10.77
N ILE E 64 -4.24 -47.23 -11.53
CA ILE E 64 -2.93 -46.59 -11.85
C ILE E 64 -2.73 -45.29 -11.07
N ARG E 65 -1.49 -44.79 -11.01
CA ARG E 65 -1.22 -43.54 -10.31
C ARG E 65 -0.48 -42.61 -11.25
N ILE E 66 -0.98 -41.39 -11.40
CA ILE E 66 -0.33 -40.36 -12.21
C ILE E 66 0.06 -39.22 -11.28
N GLU E 67 1.34 -38.86 -11.28
CA GLU E 67 1.87 -37.84 -10.39
C GLU E 67 2.08 -36.54 -11.15
N PHE E 68 1.78 -35.43 -10.49
CA PHE E 68 1.98 -34.11 -11.05
C PHE E 68 3.39 -33.65 -10.77
N GLU E 69 4.09 -33.23 -11.82
CA GLU E 69 5.49 -32.81 -11.66
C GLU E 69 5.61 -31.72 -10.60
N GLN E 70 4.76 -30.70 -10.68
CA GLN E 70 4.85 -29.67 -9.67
C GLN E 70 3.75 -29.91 -8.66
N PRO E 71 4.02 -29.94 -7.36
CA PRO E 71 2.96 -30.26 -6.40
C PRO E 71 1.84 -29.22 -6.43
N LEU E 72 0.64 -29.68 -6.14
CA LEU E 72 -0.56 -28.85 -6.12
C LEU E 72 -0.82 -28.37 -4.70
N LYS E 73 -1.24 -27.12 -4.58
CA LYS E 73 -1.49 -26.51 -3.28
C LYS E 73 -2.98 -26.43 -2.94
N ASP E 74 -3.79 -25.95 -3.88
CA ASP E 74 -5.22 -25.72 -3.67
C ASP E 74 -6.02 -26.35 -4.79
N SER E 75 -7.34 -26.26 -4.67
CA SER E 75 -8.22 -26.83 -5.69
C SER E 75 -8.02 -26.16 -7.05
N GLU E 76 -7.65 -24.88 -7.06
CA GLU E 76 -7.45 -24.19 -8.33
C GLU E 76 -6.27 -24.75 -9.09
N ASP E 77 -5.15 -25.03 -8.40
CA ASP E 77 -4.01 -25.64 -9.08
C ASP E 77 -4.39 -26.99 -9.67
N ALA E 78 -5.30 -27.72 -9.01
CA ALA E 78 -5.77 -28.98 -9.55
C ALA E 78 -6.48 -28.77 -10.88
N ALA E 79 -7.43 -27.84 -10.92
CA ALA E 79 -8.18 -27.60 -12.15
C ALA E 79 -7.26 -27.14 -13.27
N GLN E 80 -6.35 -26.21 -12.98
CA GLN E 80 -5.45 -25.71 -14.01
C GLN E 80 -4.53 -26.82 -14.50
N VAL E 81 -4.02 -27.64 -13.57
CA VAL E 81 -3.14 -28.74 -13.96
C VAL E 81 -3.90 -29.77 -14.78
N LEU E 82 -5.14 -30.07 -14.38
CA LEU E 82 -5.93 -31.05 -15.12
C LEU E 82 -6.22 -30.57 -16.54
N ILE E 83 -6.57 -29.28 -16.69
CA ILE E 83 -6.84 -28.74 -18.01
C ILE E 83 -5.61 -28.80 -18.90
N ALA E 84 -4.45 -28.42 -18.38
CA ALA E 84 -3.24 -28.41 -19.20
C ALA E 84 -2.84 -29.83 -19.58
N MET E 85 -2.97 -30.77 -18.65
CA MET E 85 -2.61 -32.16 -18.94
C MET E 85 -3.53 -32.76 -20.01
N ALA E 86 -4.80 -32.41 -20.00
CA ALA E 86 -5.72 -32.89 -21.03
C ALA E 86 -5.39 -32.30 -22.39
N LYS E 87 -5.03 -31.01 -22.43
CA LYS E 87 -4.64 -30.39 -23.69
C LYS E 87 -3.39 -31.05 -24.27
N GLN E 88 -2.41 -31.34 -23.42
CA GLN E 88 -1.20 -31.99 -23.88
C GLN E 88 -1.50 -33.38 -24.45
N ALA E 89 -2.42 -34.10 -23.81
CA ALA E 89 -2.83 -35.40 -24.34
C ALA E 89 -3.60 -35.25 -25.65
N ALA E 90 -4.39 -34.17 -25.78
CA ALA E 90 -5.12 -33.94 -27.02
C ALA E 90 -4.18 -33.66 -28.18
N SER E 91 -3.00 -33.08 -27.90
CA SER E 91 -2.03 -32.78 -28.94
C SER E 91 -1.33 -34.04 -29.42
N VAL E 92 -1.06 -34.98 -28.52
CA VAL E 92 -0.40 -36.22 -28.91
C VAL E 92 -1.26 -36.99 -29.90
N GLY E 93 -2.56 -37.09 -29.64
CA GLY E 93 -3.43 -37.79 -30.56
C GLY E 93 -3.42 -37.18 -31.96
N LYS E 94 -3.13 -35.88 -32.05
CA LYS E 94 -3.07 -35.22 -33.33
C LYS E 94 -1.78 -35.52 -34.06
N ASN E 95 -0.67 -35.63 -33.32
CA ASN E 95 0.65 -35.90 -33.89
C ASN E 95 1.11 -37.33 -33.64
N SER E 96 0.19 -38.23 -33.31
CA SER E 96 0.50 -39.63 -33.07
C SER E 96 -0.24 -40.51 -34.08
N ALA E 97 0.40 -41.63 -34.43
CA ALA E 97 -0.17 -42.59 -35.36
C ALA E 97 0.23 -43.99 -34.94
N GLU E 98 -0.44 -44.97 -35.50
CA GLU E 98 -0.12 -46.39 -35.18
C GLU E 98 -1.00 -47.28 -36.02
N ASP F 3 -22.40 -24.16 -3.61
CA ASP F 3 -23.37 -24.92 -4.43
C ASP F 3 -24.70 -24.16 -4.45
N PRO F 4 -25.33 -23.84 -3.31
CA PRO F 4 -26.53 -23.02 -3.33
C PRO F 4 -26.14 -21.71 -4.01
N LEU F 5 -26.93 -21.25 -4.97
CA LEU F 5 -26.56 -20.02 -5.73
C LEU F 5 -26.83 -18.75 -4.91
N THR F 6 -25.77 -18.20 -4.31
CA THR F 6 -25.82 -16.96 -3.49
C THR F 6 -24.98 -15.88 -4.17
N PRO F 7 -25.14 -14.57 -3.90
CA PRO F 7 -24.25 -13.57 -4.49
C PRO F 7 -22.78 -13.88 -4.18
N ALA F 8 -22.45 -14.44 -3.00
CA ALA F 8 -21.07 -14.83 -2.71
C ALA F 8 -20.63 -15.97 -3.62
N ILE F 9 -21.51 -16.93 -3.88
CA ILE F 9 -21.18 -18.03 -4.80
C ILE F 9 -20.94 -17.49 -6.21
N SER F 10 -21.74 -16.51 -6.63
CA SER F 10 -21.58 -15.96 -7.97
C SER F 10 -20.20 -15.34 -8.15
N ASP F 11 -19.72 -14.59 -7.15
CA ASP F 11 -18.39 -14.01 -7.24
C ASP F 11 -17.34 -15.09 -7.44
N ARG F 12 -17.48 -16.21 -6.75
CA ARG F 12 -16.53 -17.33 -6.87
C ARG F 12 -16.59 -17.91 -8.27
N ILE F 13 -17.80 -18.13 -8.77
CA ILE F 13 -17.97 -18.69 -10.11
C ILE F 13 -17.41 -17.72 -11.14
N CYS F 14 -17.74 -16.44 -11.03
CA CYS F 14 -17.28 -15.52 -12.10
C CYS F 14 -15.74 -15.53 -12.12
N LYS F 15 -15.10 -15.66 -10.96
CA LYS F 15 -13.61 -15.65 -10.86
C LYS F 15 -13.01 -16.76 -11.70
N HIS F 16 -13.50 -17.99 -11.53
CA HIS F 16 -12.99 -19.16 -12.28
C HIS F 16 -13.08 -18.88 -13.78
N MET F 17 -14.24 -18.46 -14.25
CA MET F 17 -14.43 -18.27 -15.72
C MET F 17 -13.70 -17.03 -16.21
N ASN F 18 -13.18 -16.18 -15.32
CA ASN F 18 -12.57 -14.91 -15.79
C ASN F 18 -11.05 -15.01 -15.71
N GLU F 19 -10.52 -15.82 -14.79
CA GLU F 19 -9.05 -16.03 -14.73
C GLU F 19 -8.71 -17.20 -15.65
N ASP F 20 -9.58 -18.23 -15.72
CA ASP F 20 -9.40 -19.39 -16.64
C ASP F 20 -10.60 -19.47 -17.58
N HIS F 21 -10.47 -20.12 -18.74
CA HIS F 21 -11.58 -20.17 -19.75
C HIS F 21 -12.13 -18.76 -20.00
N ALA F 22 -11.25 -17.76 -20.15
CA ALA F 22 -11.70 -16.37 -20.39
C ALA F 22 -12.25 -16.23 -21.81
N SER F 23 -11.70 -17.00 -22.76
CA SER F 23 -12.18 -16.98 -24.17
C SER F 23 -13.63 -17.45 -24.25
N ALA F 24 -14.05 -18.34 -23.35
CA ALA F 24 -15.45 -18.82 -23.33
C ALA F 24 -16.41 -17.62 -23.19
N ILE F 25 -16.11 -16.69 -22.27
CA ILE F 25 -17.04 -15.55 -22.02
C ILE F 25 -17.25 -14.76 -23.31
N ALA F 26 -16.19 -14.54 -24.09
CA ALA F 26 -16.29 -13.74 -25.34
C ALA F 26 -17.08 -14.51 -26.38
N LEU F 27 -16.79 -15.80 -26.53
CA LEU F 27 -17.53 -16.67 -27.46
C LEU F 27 -19.02 -16.59 -27.13
N TYR F 28 -19.36 -16.49 -25.85
CA TYR F 28 -20.78 -16.44 -25.41
C TYR F 28 -21.47 -15.22 -26.02
N ALA F 29 -20.95 -14.01 -25.75
CA ALA F 29 -21.58 -12.76 -26.23
C ALA F 29 -21.38 -12.59 -27.74
N GLN F 30 -20.90 -13.62 -28.42
CA GLN F 30 -20.74 -13.51 -29.89
C GLN F 30 -21.75 -14.44 -30.57
N VAL F 31 -21.89 -15.66 -30.06
CA VAL F 31 -22.82 -16.63 -30.73
C VAL F 31 -24.19 -16.61 -30.04
N PHE F 32 -24.25 -16.36 -28.72
CA PHE F 32 -25.56 -16.23 -28.03
C PHE F 32 -25.87 -14.75 -27.90
N GLY F 33 -24.92 -13.95 -27.39
CA GLY F 33 -25.17 -12.51 -27.38
C GLY F 33 -25.01 -11.92 -28.77
N GLN F 34 -25.43 -10.67 -28.98
CA GLN F 34 -25.36 -10.13 -30.35
C GLN F 34 -24.34 -8.99 -30.39
N GLN F 35 -23.19 -9.17 -29.73
CA GLN F 35 -22.12 -8.20 -29.85
C GLN F 35 -21.11 -8.74 -30.85
N THR F 36 -20.67 -7.85 -31.74
CA THR F 36 -19.75 -8.19 -32.82
C THR F 36 -18.32 -7.83 -32.46
N ASP F 37 -18.11 -6.58 -32.05
CA ASP F 37 -16.79 -6.14 -31.62
C ASP F 37 -16.65 -6.56 -30.17
N VAL F 38 -15.95 -7.65 -29.94
CA VAL F 38 -15.69 -8.15 -28.59
C VAL F 38 -14.19 -7.98 -28.38
N THR F 39 -13.82 -7.21 -27.36
CA THR F 39 -12.41 -6.97 -27.12
C THR F 39 -12.07 -7.31 -25.66
N MET F 40 -13.06 -7.24 -24.79
CA MET F 40 -12.88 -7.62 -23.40
C MET F 40 -14.24 -8.04 -22.86
N ALA F 41 -14.53 -9.34 -23.00
CA ALA F 41 -15.73 -9.93 -22.45
C ALA F 41 -15.49 -10.33 -21.00
N GLN F 42 -16.37 -9.89 -20.11
CA GLN F 42 -16.24 -10.15 -18.69
C GLN F 42 -17.58 -10.64 -18.14
N MET F 43 -17.50 -11.53 -17.16
CA MET F 43 -18.67 -12.08 -16.49
C MET F 43 -18.81 -11.35 -15.17
N GLN F 44 -19.70 -10.35 -15.11
CA GLN F 44 -19.92 -9.57 -13.86
C GLN F 44 -20.62 -10.44 -12.82
N ALA F 45 -21.70 -11.13 -13.20
CA ALA F 45 -22.48 -11.92 -12.22
C ALA F 45 -23.17 -13.11 -12.88
N ILE F 46 -23.42 -14.17 -12.10
CA ILE F 46 -24.17 -15.38 -12.56
C ILE F 46 -25.38 -15.50 -11.63
N ASP F 47 -26.58 -15.58 -12.21
CA ASP F 47 -27.82 -15.72 -11.42
C ASP F 47 -28.54 -17.02 -11.82
N PRO F 48 -29.62 -17.48 -11.15
CA PRO F 48 -30.34 -18.67 -11.58
C PRO F 48 -30.93 -18.58 -12.99
N THR F 49 -31.51 -17.43 -13.34
CA THR F 49 -32.16 -17.30 -14.66
C THR F 49 -31.11 -17.04 -15.74
N GLY F 50 -30.13 -16.17 -15.49
CA GLY F 50 -29.16 -15.82 -16.55
C GLY F 50 -27.83 -15.34 -16.01
N MET F 51 -27.10 -14.60 -16.84
CA MET F 51 -25.77 -14.05 -16.44
C MET F 51 -25.60 -12.64 -17.00
N ASP F 52 -24.97 -11.75 -16.23
CA ASP F 52 -24.71 -10.36 -16.70
C ASP F 52 -23.33 -10.30 -17.34
N LEU F 53 -23.26 -10.44 -18.67
CA LEU F 53 -21.98 -10.33 -19.42
C LEU F 53 -21.62 -8.85 -19.60
N VAL F 54 -20.34 -8.48 -19.54
CA VAL F 54 -19.95 -7.05 -19.77
C VAL F 54 -18.83 -7.01 -20.82
N VAL F 55 -19.15 -6.46 -21.99
CA VAL F 55 -18.13 -6.34 -23.07
C VAL F 55 -17.61 -4.90 -23.06
N GLU F 56 -16.69 -4.58 -22.16
CA GLU F 56 -16.16 -3.19 -22.05
C GLU F 56 -15.75 -2.71 -23.43
N SER F 57 -16.32 -1.59 -23.87
CA SER F 57 -16.06 -1.11 -25.25
C SER F 57 -15.76 0.39 -25.32
N GLU F 58 -15.52 0.89 -26.54
CA GLU F 58 -15.15 2.30 -26.74
C GLU F 58 -16.32 3.18 -26.33
N GLY F 59 -17.51 2.89 -26.84
CA GLY F 59 -18.69 3.69 -26.51
C GLY F 59 -19.05 3.52 -25.05
N GLY F 60 -19.14 2.27 -24.59
CA GLY F 60 -19.41 2.02 -23.16
C GLY F 60 -19.30 0.56 -22.81
N SER F 61 -19.02 0.25 -21.55
CA SER F 61 -19.02 -1.17 -21.13
C SER F 61 -20.36 -1.78 -21.52
N LYS F 62 -20.37 -2.59 -22.58
CA LYS F 62 -21.63 -3.22 -23.05
C LYS F 62 -22.11 -4.20 -21.99
N THR F 63 -22.86 -3.71 -21.01
CA THR F 63 -23.49 -4.61 -20.01
C THR F 63 -24.59 -5.35 -20.76
N ILE F 64 -24.49 -6.67 -20.89
CA ILE F 64 -25.46 -7.43 -21.72
C ILE F 64 -25.91 -8.70 -20.98
N ARG F 65 -27.18 -9.06 -21.06
CA ARG F 65 -27.67 -10.23 -20.29
C ARG F 65 -28.02 -11.40 -21.22
N ILE F 66 -27.52 -12.59 -20.89
CA ILE F 66 -27.92 -13.80 -21.65
C ILE F 66 -28.67 -14.67 -20.66
N GLU F 67 -29.82 -15.22 -21.07
CA GLU F 67 -30.66 -16.00 -20.13
C GLU F 67 -30.52 -17.49 -20.41
N PHE F 68 -30.69 -18.30 -19.36
CA PHE F 68 -30.58 -19.77 -19.50
C PHE F 68 -31.98 -20.37 -19.60
N GLU F 69 -32.33 -20.86 -20.79
CA GLU F 69 -33.67 -21.48 -21.01
C GLU F 69 -34.00 -22.45 -19.88
N GLN F 70 -33.06 -23.32 -19.50
CA GLN F 70 -33.44 -24.21 -18.41
C GLN F 70 -32.91 -23.66 -17.10
N PRO F 71 -33.75 -23.54 -16.08
CA PRO F 71 -33.31 -22.88 -14.84
C PRO F 71 -32.14 -23.62 -14.20
N LEU F 72 -31.31 -22.86 -13.50
CA LEU F 72 -30.15 -23.40 -12.80
C LEU F 72 -30.52 -23.67 -11.35
N LYS F 73 -30.01 -24.78 -10.80
CA LYS F 73 -30.32 -25.17 -9.44
C LYS F 73 -29.18 -24.88 -8.48
N ASP F 74 -27.97 -25.34 -8.80
CA ASP F 74 -26.80 -25.18 -7.95
C ASP F 74 -25.64 -24.71 -8.81
N SER F 75 -24.49 -24.52 -8.17
CA SER F 75 -23.30 -24.10 -8.91
C SER F 75 -22.91 -25.15 -9.94
N GLU F 76 -23.19 -26.43 -9.68
CA GLU F 76 -22.86 -27.47 -10.65
C GLU F 76 -23.66 -27.32 -11.92
N ASP F 77 -24.97 -27.05 -11.81
CA ASP F 77 -25.77 -26.82 -13.01
C ASP F 77 -25.24 -25.63 -13.80
N ALA F 78 -24.66 -24.65 -13.12
CA ALA F 78 -24.05 -23.52 -13.81
C ALA F 78 -22.88 -23.99 -14.67
N ALA F 79 -21.99 -24.80 -14.08
CA ALA F 79 -20.83 -25.28 -14.83
C ALA F 79 -21.27 -26.09 -16.04
N GLN F 80 -22.26 -26.97 -15.85
CA GLN F 80 -22.74 -27.77 -16.96
C GLN F 80 -23.33 -26.89 -18.05
N VAL F 81 -24.09 -25.86 -17.66
CA VAL F 81 -24.69 -24.95 -18.63
C VAL F 81 -23.60 -24.16 -19.35
N LEU F 82 -22.62 -23.65 -18.59
CA LEU F 82 -21.55 -22.87 -19.21
C LEU F 82 -20.70 -23.72 -20.15
N ILE F 83 -20.31 -24.92 -19.72
CA ILE F 83 -19.42 -25.80 -20.54
C ILE F 83 -20.10 -26.06 -21.87
N ALA F 84 -21.39 -26.40 -21.86
CA ALA F 84 -22.14 -26.70 -23.09
C ALA F 84 -22.30 -25.47 -23.97
N MET F 85 -22.41 -24.30 -23.36
CA MET F 85 -22.63 -23.10 -24.18
C MET F 85 -21.35 -22.79 -24.97
N ALA F 86 -20.19 -23.05 -24.38
CA ALA F 86 -18.91 -22.80 -25.07
C ALA F 86 -18.72 -23.76 -26.24
N LYS F 87 -19.37 -24.92 -26.19
CA LYS F 87 -19.23 -25.94 -27.26
C LYS F 87 -20.00 -25.47 -28.49
N GLN F 88 -21.22 -24.97 -28.29
CA GLN F 88 -22.02 -24.42 -29.40
C GLN F 88 -21.35 -23.16 -29.90
N ALA F 89 -20.44 -22.60 -29.11
CA ALA F 89 -19.70 -21.38 -29.51
C ALA F 89 -18.47 -21.74 -30.35
N ALA F 90 -17.84 -22.89 -30.09
CA ALA F 90 -16.71 -23.36 -30.92
C ALA F 90 -17.27 -23.86 -32.25
N SER F 91 -18.59 -24.09 -32.32
CA SER F 91 -19.25 -24.63 -33.53
C SER F 91 -19.87 -23.48 -34.36
N VAL F 92 -20.51 -22.52 -33.70
CA VAL F 92 -21.17 -21.44 -34.49
C VAL F 92 -20.10 -20.44 -34.91
N GLY F 93 -19.12 -20.18 -34.05
CA GLY F 93 -18.03 -19.24 -34.38
C GLY F 93 -17.25 -19.70 -35.59
N LYS F 94 -16.70 -20.91 -35.52
CA LYS F 94 -15.97 -21.48 -36.69
C LYS F 94 -16.98 -22.13 -37.64
N ASN F 95 -17.45 -21.41 -38.66
CA ASN F 95 -18.39 -22.02 -39.65
C ASN F 95 -17.88 -21.80 -41.08
N SER F 96 -18.44 -22.50 -42.07
CA SER F 96 -17.99 -22.38 -43.49
C SER F 96 -18.67 -21.19 -44.16
N ALA F 97 -17.90 -20.36 -44.87
CA ALA F 97 -18.43 -19.17 -45.59
C ALA F 97 -19.53 -18.48 -44.77
N ASP G 3 27.50 30.15 12.96
CA ASP G 3 27.92 30.59 11.61
C ASP G 3 26.77 30.37 10.62
N PRO G 4 26.10 31.43 10.12
CA PRO G 4 24.94 31.26 9.22
C PRO G 4 25.31 31.07 7.75
N LEU G 5 24.29 30.96 6.88
CA LEU G 5 24.53 30.73 5.42
C LEU G 5 25.41 31.85 4.86
N THR G 6 26.59 31.50 4.33
CA THR G 6 27.49 32.48 3.67
C THR G 6 28.51 31.65 2.86
N PRO G 7 28.70 31.90 1.54
CA PRO G 7 29.61 31.10 0.73
C PRO G 7 30.95 30.81 1.41
N ALA G 8 31.53 31.82 2.07
CA ALA G 8 32.84 31.67 2.76
C ALA G 8 32.78 30.54 3.79
N ILE G 9 31.76 30.53 4.66
CA ILE G 9 31.62 29.49 5.72
C ILE G 9 31.48 28.10 5.05
N SER G 10 30.76 28.03 3.93
CA SER G 10 30.57 26.74 3.20
C SER G 10 31.92 26.26 2.65
N ASP G 11 32.76 27.18 2.18
CA ASP G 11 34.11 26.82 1.62
C ASP G 11 34.92 26.06 2.69
N ARG G 12 35.01 26.62 3.90
CA ARG G 12 35.78 25.99 4.98
C ARG G 12 35.21 24.61 5.28
N ILE G 13 33.88 24.46 5.32
CA ILE G 13 33.22 23.20 5.73
C ILE G 13 33.51 22.12 4.67
N CYS G 14 33.30 22.44 3.39
CA CYS G 14 33.54 21.46 2.30
C CYS G 14 35.03 21.14 2.16
N LYS G 15 35.93 22.03 2.56
CA LYS G 15 37.38 21.74 2.53
C LYS G 15 37.77 20.90 3.76
N HIS G 16 37.12 21.14 4.90
CA HIS G 16 37.35 20.33 6.12
C HIS G 16 36.90 18.89 5.87
N MET G 17 35.72 18.70 5.30
CA MET G 17 35.19 17.35 4.97
C MET G 17 36.05 16.74 3.85
N ASN G 18 36.51 17.55 2.92
CA ASN G 18 37.26 17.03 1.75
C ASN G 18 38.65 16.61 2.20
N GLU G 19 39.06 17.04 3.38
CA GLU G 19 40.41 16.76 3.90
C GLU G 19 40.35 15.78 5.06
N ASP G 20 39.33 15.89 5.92
CA ASP G 20 39.31 15.04 7.09
C ASP G 20 38.33 13.87 6.99
N HIS G 21 37.32 13.96 6.14
CA HIS G 21 36.29 12.93 6.07
C HIS G 21 35.98 12.58 4.62
N ALA G 22 37.01 12.45 3.80
CA ALA G 22 36.78 12.12 2.39
C ALA G 22 36.08 10.77 2.25
N SER G 23 36.26 9.88 3.22
CA SER G 23 35.55 8.61 3.19
C SER G 23 34.04 8.84 3.27
N ALA G 24 33.62 9.75 4.15
CA ALA G 24 32.19 10.03 4.28
C ALA G 24 31.63 10.57 2.97
N ILE G 25 32.39 11.42 2.28
CA ILE G 25 31.93 11.93 0.99
C ILE G 25 31.72 10.78 0.01
N ALA G 26 32.63 9.80 0.04
CA ALA G 26 32.46 8.62 -0.81
C ALA G 26 31.19 7.86 -0.46
N LEU G 27 30.90 7.69 0.83
CA LEU G 27 29.69 6.99 1.23
C LEU G 27 28.44 7.71 0.73
N TYR G 28 28.43 9.04 0.82
CA TYR G 28 27.28 9.80 0.35
C TYR G 28 26.99 9.50 -1.12
N ALA G 29 28.03 9.49 -1.95
CA ALA G 29 27.83 9.28 -3.38
C ALA G 29 27.28 7.88 -3.67
N GLN G 30 27.78 6.87 -2.96
CA GLN G 30 27.32 5.51 -3.23
C GLN G 30 25.91 5.29 -2.71
N VAL G 31 25.68 5.55 -1.43
CA VAL G 31 24.33 5.26 -0.88
C VAL G 31 23.30 6.29 -1.38
N PHE G 32 23.49 7.57 -1.09
CA PHE G 32 22.45 8.58 -1.42
C PHE G 32 22.47 8.94 -2.91
N GLY G 33 23.65 8.98 -3.53
CA GLY G 33 23.76 9.40 -4.94
C GLY G 33 23.49 8.28 -5.94
N GLN G 34 23.35 7.05 -5.47
CA GLN G 34 23.13 5.87 -6.35
C GLN G 34 24.28 5.76 -7.36
N GLN G 35 25.52 5.97 -6.91
CA GLN G 35 26.68 5.95 -7.85
C GLN G 35 27.49 4.67 -7.63
N THR G 36 27.94 4.00 -8.68
CA THR G 36 28.65 2.71 -8.44
C THR G 36 30.16 2.90 -8.45
N ASP G 37 30.71 3.48 -9.52
CA ASP G 37 32.19 3.61 -9.66
C ASP G 37 32.68 4.89 -9.00
N VAL G 38 32.85 4.89 -7.69
CA VAL G 38 33.38 6.09 -6.99
C VAL G 38 34.89 5.93 -6.93
N THR G 39 35.63 6.63 -7.79
CA THR G 39 37.10 6.53 -7.63
C THR G 39 37.55 7.64 -6.67
N MET G 40 37.04 8.87 -6.87
CA MET G 40 37.40 10.01 -6.00
C MET G 40 36.19 10.94 -5.87
N ALA G 41 35.39 10.75 -4.81
CA ALA G 41 34.18 11.60 -4.62
C ALA G 41 34.59 12.87 -3.86
N GLN G 42 34.22 14.05 -4.38
CA GLN G 42 34.61 15.33 -3.74
C GLN G 42 33.37 16.14 -3.35
N MET G 43 33.55 17.18 -2.51
CA MET G 43 32.42 18.06 -2.10
C MET G 43 32.65 19.47 -2.66
N GLN G 44 31.76 19.94 -3.55
CA GLN G 44 31.92 21.24 -4.23
C GLN G 44 31.24 22.37 -3.48
N ALA G 45 30.07 22.11 -2.90
CA ALA G 45 29.33 23.15 -2.15
C ALA G 45 28.28 22.57 -1.21
N ILE G 46 27.84 23.36 -0.24
CA ILE G 46 26.76 22.94 0.72
C ILE G 46 25.90 24.17 0.97
N ASP G 47 24.64 23.97 1.34
CA ASP G 47 23.69 25.08 1.59
C ASP G 47 22.47 24.48 2.31
N PRO G 48 21.51 25.27 2.86
CA PRO G 48 20.45 24.69 3.69
C PRO G 48 19.58 23.67 2.98
N THR G 49 19.46 23.78 1.67
CA THR G 49 18.54 22.90 0.92
C THR G 49 19.23 21.56 0.73
N GLY G 50 20.47 21.62 0.26
CA GLY G 50 21.20 20.39 -0.01
C GLY G 50 22.65 20.69 -0.26
N MET G 51 23.41 19.65 -0.57
CA MET G 51 24.84 19.87 -0.92
C MET G 51 25.11 19.40 -2.36
N ASP G 52 26.17 19.90 -2.98
CA ASP G 52 26.51 19.53 -4.37
C ASP G 52 27.79 18.71 -4.36
N LEU G 53 27.74 17.46 -4.82
CA LEU G 53 28.93 16.57 -4.79
C LEU G 53 29.49 16.42 -6.21
N VAL G 54 30.80 16.12 -6.31
CA VAL G 54 31.44 15.83 -7.64
C VAL G 54 32.21 14.50 -7.49
N VAL G 55 31.58 13.41 -7.96
CA VAL G 55 32.23 12.08 -7.98
C VAL G 55 32.93 12.00 -9.33
N GLU G 56 34.21 12.25 -9.37
CA GLU G 56 34.87 12.27 -10.68
C GLU G 56 35.42 10.89 -11.01
N SER G 57 36.49 10.85 -11.79
CA SER G 57 37.16 9.59 -12.15
C SER G 57 38.58 9.91 -12.63
N GLU G 58 39.34 8.89 -13.01
CA GLU G 58 40.70 9.14 -13.58
C GLU G 58 40.54 10.02 -14.83
N GLY G 59 39.45 9.83 -15.58
CA GLY G 59 39.18 10.65 -16.78
C GLY G 59 37.69 10.89 -16.98
N GLY G 60 36.96 11.16 -15.89
CA GLY G 60 35.51 11.42 -15.97
C GLY G 60 35.04 12.36 -14.86
N SER G 61 33.73 12.66 -14.83
CA SER G 61 33.17 13.59 -13.80
C SER G 61 31.66 13.41 -13.65
N LYS G 62 31.16 13.51 -12.41
CA LYS G 62 29.71 13.40 -12.13
C LYS G 62 29.31 14.55 -11.22
N THR G 63 28.53 15.48 -11.75
CA THR G 63 27.99 16.57 -10.90
C THR G 63 26.64 16.12 -10.33
N ILE G 64 26.55 15.96 -9.01
CA ILE G 64 25.31 15.40 -8.38
C ILE G 64 24.85 16.29 -7.21
N ARG G 65 23.56 16.27 -6.88
CA ARG G 65 23.01 17.08 -5.80
C ARG G 65 22.29 16.16 -4.82
N ILE G 66 22.64 16.26 -3.54
CA ILE G 66 21.97 15.53 -2.47
C ILE G 66 21.30 16.54 -1.56
N GLU G 67 20.00 16.38 -1.35
CA GLU G 67 19.22 17.33 -0.58
C GLU G 67 18.94 16.80 0.82
N PHE G 68 19.00 17.69 1.80
CA PHE G 68 18.73 17.35 3.19
C PHE G 68 17.23 17.45 3.45
N GLU G 69 16.66 16.40 4.04
CA GLU G 69 15.21 16.39 4.27
C GLU G 69 14.75 17.61 5.04
N GLN G 70 15.38 17.88 6.19
CA GLN G 70 15.09 19.08 6.96
C GLN G 70 16.18 20.12 6.76
N PRO G 71 15.81 21.34 6.39
CA PRO G 71 16.82 22.37 6.07
C PRO G 71 17.74 22.67 7.24
N LEU G 72 18.97 23.05 6.92
CA LEU G 72 19.98 23.41 7.89
C LEU G 72 20.01 24.93 8.08
N LYS G 73 20.20 25.36 9.33
CA LYS G 73 20.23 26.79 9.64
C LYS G 73 21.63 27.33 9.84
N ASP G 74 22.47 26.63 10.60
CA ASP G 74 23.81 27.08 10.92
C ASP G 74 24.81 25.97 10.61
N SER G 75 26.07 26.24 10.97
CA SER G 75 27.20 25.32 10.70
C SER G 75 27.17 24.05 11.55
N GLU G 76 26.66 24.12 12.77
CA GLU G 76 26.70 22.94 13.68
C GLU G 76 25.60 21.96 13.25
N ASP G 77 24.49 22.47 12.71
CA ASP G 77 23.40 21.58 12.21
C ASP G 77 23.84 20.89 10.92
N ALA G 78 24.69 21.55 10.13
CA ALA G 78 25.22 20.87 8.94
C ALA G 78 26.10 19.70 9.37
N ALA G 79 26.82 19.83 10.48
CA ALA G 79 27.74 18.79 10.98
C ALA G 79 26.97 17.68 11.66
N GLN G 80 25.78 18.00 12.15
CA GLN G 80 24.92 16.99 12.78
C GLN G 80 24.25 16.17 11.68
N VAL G 81 23.89 16.81 10.57
CA VAL G 81 23.21 16.10 9.46
C VAL G 81 24.24 15.23 8.78
N LEU G 82 25.43 15.76 8.55
CA LEU G 82 26.47 15.01 7.83
C LEU G 82 26.84 13.77 8.63
N ILE G 83 27.16 13.92 9.92
CA ILE G 83 27.55 12.77 10.72
C ILE G 83 26.46 11.71 10.72
N ALA G 84 25.21 12.13 10.90
CA ALA G 84 24.11 11.17 10.92
C ALA G 84 23.95 10.50 9.56
N MET G 85 24.12 11.27 8.48
CA MET G 85 24.01 10.70 7.14
C MET G 85 25.12 9.69 6.90
N ALA G 86 26.33 9.98 7.40
CA ALA G 86 27.42 9.02 7.27
C ALA G 86 27.12 7.76 8.07
N LYS G 87 26.53 7.92 9.26
CA LYS G 87 26.15 6.76 10.06
C LYS G 87 25.10 5.93 9.35
N GLN G 88 24.10 6.59 8.76
CA GLN G 88 23.09 5.86 8.00
C GLN G 88 23.69 5.16 6.79
N ALA G 89 24.60 5.84 6.08
CA ALA G 89 25.27 5.21 4.96
C ALA G 89 26.21 4.10 5.41
N ALA G 90 26.86 4.29 6.56
CA ALA G 90 27.75 3.24 7.08
C ALA G 90 26.98 1.99 7.44
N SER G 91 25.72 2.14 7.86
CA SER G 91 24.90 0.99 8.22
C SER G 91 24.42 0.22 6.99
N VAL G 92 24.09 0.95 5.91
CA VAL G 92 23.62 0.30 4.69
C VAL G 92 24.71 -0.57 4.10
N GLY G 93 25.95 -0.07 4.08
CA GLY G 93 27.05 -0.85 3.56
C GLY G 93 27.24 -2.17 4.29
N LYS G 94 26.79 -2.24 5.55
CA LYS G 94 26.96 -3.46 6.34
C LYS G 94 25.93 -4.52 5.94
N ASN G 95 24.66 -4.14 5.79
CA ASN G 95 23.60 -5.09 5.47
C ASN G 95 23.33 -5.08 3.97
N SER G 96 24.30 -5.58 3.21
CA SER G 96 24.16 -5.69 1.76
C SER G 96 24.95 -6.89 1.24
N ASP H 3 44.83 30.22 13.49
CA ASP H 3 45.45 29.61 14.69
C ASP H 3 44.86 30.17 15.99
N PRO H 4 43.53 30.31 16.17
CA PRO H 4 42.97 30.94 17.36
C PRO H 4 42.51 29.95 18.43
N LEU H 5 43.17 29.94 19.59
CA LEU H 5 42.69 29.05 20.67
C LEU H 5 42.43 29.91 21.91
N THR H 6 41.24 30.53 21.97
CA THR H 6 40.90 31.42 23.12
C THR H 6 39.89 30.71 24.03
N PRO H 7 39.45 31.32 25.15
CA PRO H 7 38.43 30.74 26.01
C PRO H 7 37.15 30.45 25.21
N ALA H 8 36.68 31.42 24.42
CA ALA H 8 35.47 31.25 23.59
C ALA H 8 35.67 30.09 22.61
N ILE H 9 36.77 30.10 21.85
CA ILE H 9 37.07 29.02 20.87
C ILE H 9 37.02 27.67 21.60
N SER H 10 37.70 27.56 22.74
CA SER H 10 37.74 26.30 23.51
C SER H 10 36.32 25.88 23.87
N ASP H 11 35.53 26.78 24.44
CA ASP H 11 34.19 26.37 24.92
C ASP H 11 33.30 25.96 23.75
N ARG H 12 33.34 26.65 22.60
CA ARG H 12 32.47 26.13 21.51
C ARG H 12 32.93 24.72 21.15
N ILE H 13 34.25 24.52 21.06
CA ILE H 13 34.80 23.18 20.69
C ILE H 13 34.33 22.17 21.74
N CYS H 14 34.43 22.52 23.03
CA CYS H 14 34.01 21.62 24.09
C CYS H 14 32.51 21.37 24.07
N LYS H 15 31.72 22.36 23.64
CA LYS H 15 30.28 22.15 23.54
C LYS H 15 29.94 21.18 22.43
N HIS H 16 30.58 21.34 21.27
CA HIS H 16 30.35 20.41 20.17
C HIS H 16 30.73 19.00 20.60
N MET H 17 31.85 18.86 21.30
CA MET H 17 32.28 17.54 21.76
C MET H 17 31.35 17.01 22.84
N ASN H 18 30.89 17.89 23.75
CA ASN H 18 29.99 17.48 24.82
C ASN H 18 28.57 17.24 24.34
N GLU H 19 28.24 17.65 23.12
CA GLU H 19 26.89 17.54 22.58
C GLU H 19 26.79 16.66 21.35
N ASP H 20 27.87 16.54 20.57
CA ASP H 20 27.86 15.69 19.38
C ASP H 20 28.76 14.47 19.48
N HIS H 21 29.77 14.49 20.35
CA HIS H 21 30.73 13.39 20.45
C HIS H 21 31.00 13.04 21.91
N ALA H 22 29.95 13.02 22.73
CA ALA H 22 30.13 12.74 24.15
C ALA H 22 30.69 11.34 24.39
N SER H 23 30.41 10.41 23.49
CA SER H 23 30.96 9.06 23.64
C SER H 23 32.49 9.07 23.59
N ALA H 24 33.05 9.84 22.65
CA ALA H 24 34.51 9.91 22.53
C ALA H 24 35.15 10.45 23.80
N ILE H 25 34.53 11.45 24.42
CA ILE H 25 35.08 12.00 25.66
C ILE H 25 35.16 10.92 26.72
N ALA H 26 34.15 10.04 26.79
CA ALA H 26 34.22 8.92 27.71
C ALA H 26 35.39 8.01 27.37
N LEU H 27 35.60 7.75 26.08
CA LEU H 27 36.74 6.93 25.68
C LEU H 27 38.06 7.57 26.08
N TYR H 28 38.16 8.89 25.92
CA TYR H 28 39.39 9.57 26.31
C TYR H 28 39.73 9.30 27.77
N ALA H 29 38.74 9.43 28.65
CA ALA H 29 38.98 9.24 30.08
C ALA H 29 39.32 7.80 30.39
N GLN H 30 38.66 6.85 29.72
CA GLN H 30 38.92 5.44 30.00
C GLN H 30 40.27 5.01 29.42
N VAL H 31 40.50 5.27 28.14
CA VAL H 31 41.74 4.84 27.51
C VAL H 31 42.91 5.68 27.99
N PHE H 32 42.87 6.98 27.70
CA PHE H 32 43.99 7.86 28.03
C PHE H 32 44.01 8.24 29.50
N GLY H 33 42.84 8.45 30.11
CA GLY H 33 42.80 8.80 31.52
C GLY H 33 42.63 7.64 32.47
N GLN H 34 42.95 6.44 32.01
CA GLN H 34 42.91 5.22 32.81
C GLN H 34 41.73 5.17 33.79
N GLN H 35 40.57 5.70 33.37
CA GLN H 35 39.33 5.61 34.13
C GLN H 35 38.51 4.41 33.70
N THR H 36 37.86 3.74 34.65
CA THR H 36 37.07 2.55 34.36
C THR H 36 35.57 2.82 34.32
N ASP H 37 35.01 3.31 35.43
CA ASP H 37 33.57 3.57 35.54
C ASP H 37 33.25 4.98 35.03
N VAL H 38 33.36 5.15 33.72
CA VAL H 38 33.12 6.47 33.13
C VAL H 38 31.62 6.68 33.01
N THR H 39 31.09 7.73 33.64
CA THR H 39 29.66 8.10 33.46
C THR H 39 29.59 9.62 33.29
N MET H 40 28.85 10.12 32.28
CA MET H 40 28.79 11.57 31.98
C MET H 40 30.20 12.18 31.92
N ALA H 41 31.00 11.77 30.94
CA ALA H 41 32.32 12.39 30.79
C ALA H 41 32.18 13.66 29.99
N GLN H 42 32.76 14.76 30.48
CA GLN H 42 32.60 16.08 29.83
C GLN H 42 33.95 16.74 29.55
N MET H 43 34.07 17.44 28.42
CA MET H 43 35.29 18.21 28.09
C MET H 43 35.08 19.62 28.67
N GLN H 44 35.76 19.94 29.77
CA GLN H 44 35.57 21.25 30.45
C GLN H 44 36.30 22.35 29.70
N ALA H 45 37.54 22.12 29.28
CA ALA H 45 38.30 23.11 28.50
C ALA H 45 39.36 22.42 27.64
N ILE H 46 39.81 23.08 26.57
CA ILE H 46 40.92 22.54 25.74
C ILE H 46 41.92 23.67 25.53
N ASP H 47 43.21 23.37 25.55
CA ASP H 47 44.28 24.39 25.39
C ASP H 47 45.30 23.86 24.36
N PRO H 48 46.20 24.68 23.80
CA PRO H 48 47.23 24.21 22.87
C PRO H 48 48.03 22.99 23.37
N THR H 49 48.09 22.79 24.68
CA THR H 49 48.88 21.72 25.26
C THR H 49 48.04 20.48 25.57
N GLY H 50 46.85 20.67 26.12
CA GLY H 50 46.03 19.54 26.48
C GLY H 50 44.61 19.97 26.76
N MET H 51 43.82 19.02 27.25
CA MET H 51 42.41 19.24 27.56
C MET H 51 42.12 18.80 28.99
N ASP H 52 41.09 19.40 29.57
CA ASP H 52 40.68 19.12 30.94
C ASP H 52 39.34 18.39 30.91
N LEU H 53 39.28 17.18 31.46
CA LEU H 53 38.07 16.34 31.38
C LEU H 53 37.45 16.17 32.75
N VAL H 54 36.20 16.62 32.95
CA VAL H 54 35.50 16.38 34.24
C VAL H 54 34.94 14.97 34.19
N VAL H 55 35.45 14.07 35.04
CA VAL H 55 35.02 12.65 34.99
C VAL H 55 34.21 12.29 36.24
N GLU H 56 33.17 11.47 36.08
CA GLU H 56 32.38 11.01 37.25
C GLU H 56 32.60 9.49 37.37
N SER H 57 33.55 9.08 38.21
CA SER H 57 33.91 7.63 38.29
C SER H 57 33.88 7.12 39.73
N GLU H 58 34.66 6.08 40.01
CA GLU H 58 34.74 5.49 41.37
C GLU H 58 35.24 6.57 42.35
N GLY H 59 36.28 7.32 41.97
CA GLY H 59 36.80 8.40 42.80
C GLY H 59 35.74 9.46 43.09
N GLY H 60 34.89 9.77 42.11
CA GLY H 60 33.80 10.75 42.29
C GLY H 60 33.74 11.73 41.14
N SER H 61 33.23 12.93 41.39
CA SER H 61 33.15 13.98 40.33
C SER H 61 34.48 14.77 40.29
N LYS H 62 35.54 14.13 39.80
CA LYS H 62 36.89 14.78 39.75
C LYS H 62 37.11 15.38 38.36
N THR H 63 38.27 16.01 38.15
CA THR H 63 38.62 16.55 36.80
C THR H 63 40.07 16.16 36.47
N ILE H 64 40.28 15.53 35.32
CA ILE H 64 41.65 15.08 34.92
C ILE H 64 42.19 15.98 33.80
N ARG H 65 43.43 15.72 33.36
CA ARG H 65 44.06 16.50 32.27
C ARG H 65 44.81 15.56 31.33
N ILE H 66 44.47 15.61 30.05
CA ILE H 66 45.16 14.78 29.02
C ILE H 66 45.91 15.73 28.09
N GLU H 67 47.22 15.54 27.94
CA GLU H 67 48.08 16.39 27.12
C GLU H 67 48.31 15.75 25.77
N PHE H 68 48.31 16.58 24.72
CA PHE H 68 48.55 16.13 23.35
C PHE H 68 50.04 16.17 23.03
N GLU H 69 50.55 15.05 22.49
CA GLU H 69 51.97 14.93 22.20
C GLU H 69 52.48 16.09 21.34
N GLN H 70 51.83 16.29 20.19
CA GLN H 70 52.23 17.41 19.32
C GLN H 70 51.37 18.64 19.64
N PRO H 71 51.95 19.82 19.90
CA PRO H 71 51.13 20.97 20.31
C PRO H 71 50.11 21.33 19.24
N LEU H 72 48.97 21.84 19.70
CA LEU H 72 47.89 22.25 18.82
C LEU H 72 47.98 23.76 18.57
N LYS H 73 47.70 24.16 17.32
CA LYS H 73 47.82 25.57 16.93
C LYS H 73 46.45 26.23 16.79
N ASP H 74 45.53 25.59 16.08
CA ASP H 74 44.21 26.15 15.81
C ASP H 74 43.14 25.12 16.13
N SER H 75 41.87 25.52 15.95
CA SER H 75 40.76 24.61 16.23
C SER H 75 40.79 23.39 15.32
N GLU H 76 41.29 23.53 14.09
CA GLU H 76 41.37 22.38 13.20
C GLU H 76 42.32 21.33 13.73
N ASP H 77 43.46 21.78 14.23
CA ASP H 77 44.44 20.85 14.83
C ASP H 77 43.76 20.11 15.98
N ALA H 78 42.83 20.75 16.71
CA ALA H 78 42.08 20.12 17.78
C ALA H 78 41.17 19.02 17.24
N ALA H 79 40.40 19.32 16.20
CA ALA H 79 39.48 18.33 15.66
C ALA H 79 40.23 17.12 15.13
N GLN H 80 41.33 17.34 14.40
CA GLN H 80 42.08 16.22 13.87
C GLN H 80 42.65 15.36 14.99
N VAL H 81 43.17 16.00 16.05
CA VAL H 81 43.71 15.25 17.17
C VAL H 81 42.60 14.50 17.90
N LEU H 82 41.46 15.15 18.12
CA LEU H 82 40.36 14.48 18.81
C LEU H 82 39.86 13.29 17.99
N ILE H 83 39.73 13.47 16.67
CA ILE H 83 39.30 12.36 15.83
C ILE H 83 40.30 11.21 15.88
N ALA H 84 41.59 11.52 15.82
CA ALA H 84 42.59 10.47 15.84
C ALA H 84 42.66 9.76 17.19
N MET H 85 42.55 10.52 18.28
CA MET H 85 42.60 9.90 19.61
C MET H 85 41.41 8.98 19.85
N ALA H 86 40.23 9.36 19.37
CA ALA H 86 39.05 8.52 19.55
C ALA H 86 39.16 7.22 18.78
N LYS H 87 39.66 7.27 17.54
CA LYS H 87 39.83 6.05 16.77
C LYS H 87 40.86 5.13 17.40
N GLN H 88 42.01 5.68 17.83
CA GLN H 88 43.02 4.87 18.49
C GLN H 88 42.51 4.33 19.81
N ALA H 89 41.76 5.13 20.56
CA ALA H 89 41.18 4.65 21.81
C ALA H 89 40.12 3.59 21.57
N ALA H 90 39.39 3.68 20.46
CA ALA H 90 38.36 2.68 20.16
C ALA H 90 38.97 1.30 19.94
N SER H 91 40.21 1.24 19.46
CA SER H 91 40.86 -0.05 19.21
C SER H 91 41.31 -0.71 20.49
N VAL H 92 41.85 0.06 21.44
CA VAL H 92 42.29 -0.52 22.70
C VAL H 92 41.10 -1.09 23.48
N GLY H 93 40.00 -0.35 23.54
CA GLY H 93 38.83 -0.81 24.27
C GLY H 93 38.28 -2.12 23.76
N LYS H 94 38.48 -2.42 22.48
CA LYS H 94 37.97 -3.66 21.90
C LYS H 94 38.88 -4.84 22.25
FE HEB I . -21.58 20.83 -2.79
CHA HEB I . -20.89 24.15 -3.04
CHB HEB I . -23.81 21.06 -5.39
CHC HEB I . -21.77 17.49 -2.82
CHD HEB I . -19.75 20.67 0.22
NA HEB I . -22.24 22.35 -4.00
C1A HEB I . -21.82 23.62 -3.91
C2A HEB I . -22.48 24.37 -4.95
C3A HEB I . -23.32 23.51 -5.62
C4A HEB I . -23.14 22.22 -5.00
CMA HEB I . -24.23 23.85 -6.78
CAA HEB I . -22.30 25.86 -5.20
CBA HEB I . -23.40 26.73 -4.51
CGA HEB I . -23.20 28.25 -4.68
O1A HEB I . -23.83 29.03 -3.93
O2A HEB I . -22.59 28.62 -5.69
NB HEB I . -22.61 19.52 -3.89
C1B HEB I . -23.45 19.81 -4.91
C2B HEB I . -23.95 18.56 -5.43
C3B HEB I . -23.37 17.56 -4.69
C4B HEB I . -22.53 18.20 -3.72
CMB HEB I . -24.93 18.43 -6.57
CAB HEB I . -23.53 16.06 -4.80
CBB HEB I . -24.46 15.45 -3.75
NC HEB I . -20.88 19.35 -1.54
C1C HEB I . -21.11 18.05 -1.77
C2C HEB I . -20.52 17.26 -0.74
C3C HEB I . -19.95 18.16 0.12
C4C HEB I . -20.17 19.49 -0.39
CMC HEB I . -20.57 15.75 -0.67
CAC HEB I . -19.19 17.82 1.38
CBC HEB I . -19.75 17.09 2.36
ND HEB I . -20.50 22.17 -1.61
C1D HEB I . -19.85 21.90 -0.45
C2D HEB I . -19.27 23.14 0.02
C3D HEB I . -19.59 24.10 -0.91
C4D HEB I . -20.39 23.47 -1.93
CMD HEB I . -18.45 23.39 1.27
CAD HEB I . -19.21 25.57 -0.83
CBD HEB I . -20.26 26.33 0.01
CGD HEB I . -20.03 27.84 0.13
O1D HEB I . -20.78 28.50 0.88
O2D HEB I . -19.04 28.33 -0.44
HHA HEB I . -20.19 24.82 -3.50
HHB HEB I . -24.87 21.19 -5.62
HHC HEB I . -21.21 16.69 -3.25
HHD HEB I . -18.97 20.58 0.96
HMA1 HEB I . -24.97 23.09 -6.99
HMA2 HEB I . -24.78 24.77 -6.57
HMA3 HEB I . -23.61 24.01 -7.67
HAA1 HEB I . -21.31 26.22 -4.94
HAA2 HEB I . -22.37 25.98 -6.29
HBA1 HEB I . -23.40 26.50 -3.45
HBA2 HEB I . -24.41 26.45 -4.84
H2A HEB I . -22.96 29.34 -6.17
HMB1 HEB I . -25.70 19.19 -6.52
HMB2 HEB I . -24.40 18.52 -7.52
HMB3 HEB I . -25.43 17.46 -6.55
HAB HEB I . -23.91 15.78 -5.79
HAB2 HEB I . -22.53 15.57 -4.83
HBB1 HEB I . -25.47 15.88 -3.84
HBB2 HEB I . -24.54 14.36 -3.81
HBB3 HEB I . -24.07 15.71 -2.77
HMC1 HEB I . -20.43 15.28 -1.64
HMC2 HEB I . -19.84 15.35 0.02
HMC3 HEB I . -21.57 15.47 -0.31
HAC HEB I . -18.27 18.35 1.59
HBC1 HEB I . -20.51 17.50 3.00
HBC2 HEB I . -19.50 16.04 2.44
HMD1 HEB I . -17.62 24.06 1.06
HMD2 HEB I . -19.07 23.82 2.05
HMD3 HEB I . -18.02 22.47 1.65
HAD1 HEB I . -18.21 25.72 -0.39
HAD2 HEB I . -19.13 25.98 -1.84
HBD1 HEB I . -21.24 26.21 -0.45
HBD2 HEB I . -20.30 25.89 1.02
H2D HEB I . -19.18 28.73 -1.30
FE HEB J . 3.39 -8.48 7.73
CHA HEB J . 3.31 -11.89 7.82
CHB HEB J . 0.37 -8.34 9.35
CHC HEB J . 3.45 -5.15 7.35
CHD HEB J . 6.64 -8.65 6.32
NA HEB J . 2.08 -9.87 8.47
C1A HEB J . 2.26 -11.21 8.40
C2A HEB J . 1.14 -11.85 9.03
C3A HEB J . 0.29 -10.85 9.46
C4A HEB J . 0.91 -9.59 9.10
CMA HEB J . -1.02 -11.04 10.18
CAA HEB J . 0.95 -13.34 9.16
CBA HEB J . 0.07 -13.96 8.02
CGA HEB J . 0.00 -15.49 8.10
O1A HEB J . 0.14 -16.20 7.07
O2A HEB J . -0.08 -15.99 9.23
NB HEB J . 2.14 -7.01 8.25
C1B HEB J . 0.97 -7.16 8.91
C2B HEB J . 0.41 -5.84 9.08
C3B HEB J . 1.28 -4.96 8.51
C4B HEB J . 2.39 -5.73 8.00
CMB HEB J . -0.89 -5.45 9.75
CAB HEB J . 1.16 -3.45 8.45
CBB HEB J . 1.78 -2.76 9.66
NC HEB J . 4.78 -7.16 7.00
C1C HEB J . 4.56 -5.83 6.96
C2C HEB J . 5.71 -5.18 6.39
C3C HEB J . 6.59 -6.17 6.10
C4C HEB J . 6.01 -7.42 6.48
CMC HEB J . 5.82 -3.68 6.18
CAC HEB J . 7.95 -5.99 5.49
CBC HEB J . 8.05 -5.66 4.19
ND HEB J . 4.72 -9.99 7.18
C1D HEB J . 5.96 -9.84 6.62
C2D HEB J . 6.51 -11.15 6.39
C3D HEB J . 5.57 -12.05 6.83
C4D HEB J . 4.44 -11.30 7.32
CMD HEB J . 7.85 -11.52 5.78
CAD HEB J . 5.69 -13.56 6.79
CBD HEB J . 5.17 -14.17 5.47
CGD HEB J . 5.28 -15.70 5.39
O1D HEB J . 4.95 -16.31 4.36
O2D HEB J . 5.64 -16.27 6.43
HHA HEB J . 3.00 -12.77 7.28
HHB HEB J . -0.71 -8.31 9.44
HHC HEB J . 3.17 -4.40 6.63
HHD HEB J . 7.71 -8.66 6.47
HMA1 HEB J . -1.74 -10.25 9.94
HMA2 HEB J . -1.50 -11.97 9.90
HMA3 HEB J . -0.84 -11.05 11.25
HAA1 HEB J . 1.90 -13.88 9.22
HAA2 HEB J . 0.47 -13.48 10.13
HBA1 HEB J . 0.46 -13.64 7.07
HBA2 HEB J . -0.96 -13.56 8.03
H2A HEB J . -0.96 -16.11 9.58
HMB1 HEB J . -1.45 -4.74 9.15
HMB2 HEB J . -0.67 -5.00 10.72
HMB3 HEB J . -1.54 -6.31 9.91
HAB HEB J . 1.59 -3.03 7.54
HAB2 HEB J . 0.08 -3.17 8.30
HBB1 HEB J . 2.85 -2.98 9.73
HBB2 HEB J . 1.64 -1.67 9.67
HBB3 HEB J . 1.30 -3.17 10.56
HMC1 HEB J . 5.56 -3.15 7.10
HMC2 HEB J . 6.83 -3.39 5.88
HMC3 HEB J . 5.13 -3.39 5.41
HAC HEB J . 8.77 -6.54 5.92
HBC1 HEB J . 7.86 -6.39 3.41
HBC2 HEB J . 8.08 -4.62 3.91
HMD1 HEB J . 8.32 -12.34 6.34
HMD2 HEB J . 7.72 -11.83 4.75
HMD3 HEB J . 8.55 -10.68 5.81
HAD1 HEB J . 6.74 -13.88 6.94
HAD2 HEB J . 5.16 -13.96 7.66
HBD1 HEB J . 4.12 -13.93 5.35
HBD2 HEB J . 5.73 -13.73 4.63
H2D HEB J . 6.57 -16.39 6.57
FE HEB K . -14.16 -26.45 -15.44
CHA HEB K . -14.85 -26.10 -12.10
CHB HEB K . -16.61 -24.16 -16.21
CHC HEB K . -13.35 -26.80 -18.69
CHD HEB K . -11.67 -28.82 -14.62
NA HEB K . -15.49 -25.34 -14.34
C1A HEB K . -15.60 -25.37 -13.00
C2A HEB K . -16.64 -24.43 -12.62
C3A HEB K . -17.15 -23.88 -13.78
C4A HEB K . -16.40 -24.47 -14.87
CMA HEB K . -18.27 -22.86 -13.89
CAA HEB K . -17.11 -24.14 -11.19
CBA HEB K . -18.36 -24.99 -10.80
CGA HEB K . -18.70 -24.98 -9.29
O1A HEB K . -18.56 -23.88 -8.72
O2A HEB K . -19.17 -25.99 -8.74
NB HEB K . -14.85 -25.64 -17.13
C1B HEB K . -15.83 -24.71 -17.24
C2B HEB K . -16.00 -24.39 -18.64
C3B HEB K . -15.08 -25.15 -19.32
C4B HEB K . -14.37 -25.93 -18.35
CMB HEB K . -16.98 -23.42 -19.24
CAB HEB K . -14.84 -25.17 -20.81
CBB HEB K . -15.62 -26.26 -21.57
NC HEB K . -12.78 -27.59 -16.46
C1C HEB K . -12.65 -27.56 -17.80
C2C HEB K . -11.61 -28.47 -18.22
C3C HEB K . -11.15 -29.02 -17.05
C4C HEB K . -11.87 -28.47 -15.95
CMC HEB K . -11.17 -28.73 -19.64
CAC HEB K . -10.05 -30.04 -16.96
CBC HEB K . -10.28 -31.31 -17.40
ND HEB K . -13.41 -27.30 -13.68
C1D HEB K . -12.40 -28.23 -13.59
C2D HEB K . -12.20 -28.54 -12.20
C3D HEB K . -13.09 -27.76 -11.50
C4D HEB K . -13.85 -27.00 -12.45
CMD HEB K . -11.22 -29.51 -11.59
CAD HEB K . -13.27 -27.77 -9.97
CBD HEB K . -14.38 -28.78 -9.58
CGD HEB K . -14.69 -28.93 -8.09
O1D HEB K . -14.04 -28.22 -7.30
O2D HEB K . -15.59 -29.71 -7.74
HHA HEB K . -14.67 -25.60 -11.17
HHB HEB K . -17.63 -23.95 -16.48
HHC HEB K . -12.75 -26.48 -19.52
HHD HEB K . -11.25 -29.80 -14.44
HMA1 HEB K . -17.85 -21.85 -13.82
HMA2 HEB K . -18.79 -22.94 -14.84
HMA3 HEB K . -19.00 -22.99 -13.10
HAA1 HEB K . -16.32 -24.28 -10.45
HAA2 HEB K . -17.35 -23.08 -11.16
HBA1 HEB K . -18.20 -26.02 -11.11
HBA2 HEB K . -19.26 -24.70 -11.36
H2A HEB K . -20.10 -26.13 -8.83
HMB1 HEB K . -17.87 -23.29 -18.64
HMB2 HEB K . -16.50 -22.45 -19.37
HMB3 HEB K . -17.32 -23.77 -20.22
HAB HEB K . -15.09 -24.21 -21.28
HAB2 HEB K . -13.74 -25.19 -21.03
HBB1 HEB K . -15.30 -26.37 -22.60
HBB2 HEB K . -16.69 -26.08 -21.56
HBB3 HEB K . -15.42 -27.20 -21.05
HMC1 HEB K . -11.01 -27.79 -20.18
HMC2 HEB K . -10.27 -29.32 -19.69
HMC3 HEB K . -11.97 -29.26 -20.14
HAC HEB K . -9.28 -29.90 -16.21
HBC1 HEB K . -11.13 -31.87 -17.04
HBC2 HEB K . -9.73 -31.67 -18.25
HMD1 HEB K . -11.76 -30.39 -11.25
HMD2 HEB K . -10.43 -29.82 -12.28
HMD3 HEB K . -10.73 -29.07 -10.72
HAD1 HEB K . -12.35 -28.04 -9.44
HAD2 HEB K . -13.50 -26.76 -9.64
HBD1 HEB K . -14.09 -29.77 -9.93
HBD2 HEB K . -15.31 -28.48 -10.09
H2D HEB K . -16.48 -29.37 -7.75
FE HEB L . 33.47 16.36 13.16
CHA HEB L . 33.63 19.78 13.30
CHB HEB L . 31.46 16.55 10.37
CHC HEB L . 33.50 12.98 12.99
CHD HEB L . 35.44 16.18 16.08
NA HEB L . 32.69 17.90 12.04
C1A HEB L . 32.89 19.21 12.28
C2A HEB L . 32.17 19.96 11.26
C3A HEB L . 31.55 19.05 10.43
C4A HEB L . 31.89 17.75 10.94
CMA HEB L . 30.69 19.38 9.22
CAA HEB L . 32.08 21.49 11.13
CBA HEB L . 33.21 22.17 10.31
CGA HEB L . 33.04 23.69 10.12
O1A HEB L . 33.84 24.29 9.37
O2A HEB L . 32.17 24.26 10.82
NB HEB L . 32.64 15.02 11.92
C1B HEB L . 31.86 15.31 10.84
C2B HEB L . 31.48 14.07 10.23
C3B HEB L . 32.05 13.06 10.96
C4B HEB L . 32.79 13.69 12.03
CMB HEB L . 30.61 13.93 8.99
CAB HEB L . 31.94 11.57 10.71
CBB HEB L . 33.04 10.97 9.81
NC HEB L . 34.31 14.87 14.30
C1C HEB L . 34.18 13.56 14.02
C2C HEB L . 34.89 12.79 15.02
C3C HEB L . 35.42 13.71 15.88
C4C HEB L . 35.07 15.02 15.43
CMC HEB L . 34.99 11.27 15.07
CAC HEB L . 36.24 13.41 17.10
CBC HEB L . 35.65 12.86 18.17
ND HEB L . 34.37 17.73 14.45
C1D HEB L . 35.12 17.43 15.56
C2D HEB L . 35.55 18.68 16.16
C3D HEB L . 35.04 19.67 15.36
C4D HEB L . 34.30 19.06 14.29
CMD HEB L . 36.39 18.87 17.40
CAD HEB L . 35.24 21.16 15.62
CBD HEB L . 34.15 21.71 16.56
CGD HEB L . 34.27 23.21 16.85
O1D HEB L . 35.24 23.83 16.37
O2D HEB L . 33.47 23.70 17.68
HHA HEB L . 33.30 20.76 13.61
HHB HEB L . 30.45 16.59 9.98
HHC HEB L . 33.08 12.02 13.23
HHD HEB L . 35.52 16.12 17.16
HMA1 HEB L . 29.99 20.19 9.43
HMA2 HEB L . 31.34 19.72 8.42
HMA3 HEB L . 30.11 18.53 8.88
HAA1 HEB L . 31.11 21.78 10.73
HAA2 HEB L . 32.09 21.88 12.15
HBA1 HEB L . 33.24 21.72 9.31
HBA2 HEB L . 34.20 21.95 10.74
H2A HEB L . 32.42 25.11 11.17
HMB1 HEB L . 31.19 14.15 8.11
HMB2 HEB L . 30.18 12.94 8.89
HMB3 HEB L . 29.78 14.63 9.03
HAB HEB L . 31.91 11.00 11.64
HAB2 HEB L . 30.91 11.34 10.31
HBB1 HEB L . 34.01 11.03 10.32
HBB2 HEB L . 32.85 9.94 9.52
HBB3 HEB L . 33.07 11.58 8.90
HMC1 HEB L . 35.16 10.86 14.07
HMC2 HEB L . 35.77 10.93 15.73
HMC3 HEB L . 34.03 10.88 15.42
HAC HEB L . 37.10 14.05 17.28
HBC1 HEB L . 34.90 13.41 18.73
HBC2 HEB L . 35.75 11.80 18.35
HMD1 HEB L . 37.13 19.64 17.24
HMD2 HEB L . 35.76 19.15 18.25
HMD3 HEB L . 36.94 17.96 17.66
HAD1 HEB L . 36.23 21.37 16.04
HAD2 HEB L . 35.23 21.68 14.65
HBD1 HEB L . 33.17 21.56 16.10
HBD2 HEB L . 34.17 21.15 17.51
H2D HEB L . 32.63 24.01 17.35
#